data_7B0G
#
_entry.id   7B0G
#
_cell.length_a   56.210
_cell.length_b   106.770
_cell.length_c   231.780
_cell.angle_alpha   90.000
_cell.angle_beta   90.000
_cell.angle_gamma   90.000
#
_symmetry.space_group_name_H-M   'P 21 21 21'
#
loop_
_entity.id
_entity.type
_entity.pdbx_description
1 polymer 'DNA polymerase'
2 polymer "DNA (5'-D(P*GP*GP*AP*GP*GP*GP*CP*AP*GP*()P*())-3')"
3 polymer "DNA (5'-D(P*AP*TP*TP*GP*GP*CP*TP*GP*CP*CP*CP*TP*CP*C)-3')"
4 non-polymer "CYTIDINE-5'-TRIPHOSPHATE"
5 non-polymer 'PHOSPHATE ION'
#
loop_
_entity_poly.entity_id
_entity_poly.type
_entity_poly.pdbx_seq_one_letter_code
_entity_poly.pdbx_strand_id
1 'polypeptide(L)'
;MILDTDYITEDGKPVIRIFKKENGEFKIDYDRNFEPYIYALLKDDSAIEDVKKITAERHGTTVRVVRAEKVKKKFLGRPI
EVWKLYFTHPQDQPAIRDKIKEHPAVVDIYEYDIPFAKRYLIDKGLIPMEGDEELKMLAFAIATLYHEGEEFAEGPILMI
SYADEEGARVITWKNIDLPYVDVVSTEKEMIKRFLKVVKEKDPDVLITYNGDNFDFAYLKKRSEKLGVKFILGREGSEPK
IQRMGDRFAVEVKGRIHFDLYPVIRRTINLPTYTLEAVYEAIFGQPKEKVYAEEIAQAWETGEGLERVARYSMEDAKVTY
ELGKEFFPMEAQLSRLVGQSLWDVSRSSTGNLVEWFLLRKAYERNELAPNKPDERELARRRESYAGGYVKEPERGLWENI
VYLDFRSLYPSIIITHNVSPDTLNREGCEEYDVAPQVGHKFCKDFPGFIPSLLGDLLEERQKVKKKMKATIDPIEKKLLD
YRQRLIKILANSFYGYYGYAKARWYCKECAESVTAWGRQYIETTIREIEEKFGFKVLYADTDGFFATIPGADAETVKKKA
KEFLDYINAKLPGLLELEYEGFYKRGFFATKKKYAVIDEEDKITTRGLKMVRRDWSEIAKETQARVLEAILKHGDVEEAV
RIVKEVTEKLSKYEVPPEQLVIYQPITKQLHDYRARGPHVSVAKRLAARGIKIRPGTVISYIVPKGSGRIGDRAIPFDEF
DPAKHKYDAGYYIENQVLPAVERILRAFGYRKEDLRYQKTRQVGLGAWLKPKT
;
A
2 'polydeoxyribonucleotide' (DG)(DG)(DA)(DG)(DG)(DG)(DC)(DA)(DG)(6HC)(6HC) P
3 'polydeoxyribonucleotide' (DG)(DG)(DC)(DT)(DG)(DC)(DC)(DC)(DT)(DC)(DC) T
#
# COMPACT_ATOMS: atom_id res chain seq x y z
N MET A 1 -19.41 -20.18 -6.42
CA MET A 1 -18.58 -18.97 -6.41
C MET A 1 -17.35 -19.17 -7.32
N ILE A 2 -16.97 -18.13 -8.09
CA ILE A 2 -15.81 -18.21 -8.98
C ILE A 2 -14.54 -17.89 -8.23
N LEU A 3 -13.57 -18.81 -8.29
CA LEU A 3 -12.28 -18.68 -7.61
C LEU A 3 -11.28 -18.01 -8.56
N ASP A 4 -11.15 -18.56 -9.77
CA ASP A 4 -10.22 -18.07 -10.77
C ASP A 4 -10.57 -18.63 -12.15
N THR A 5 -9.86 -18.17 -13.19
CA THR A 5 -9.96 -18.68 -14.55
C THR A 5 -8.57 -18.80 -15.16
N ASP A 6 -8.43 -19.69 -16.13
CA ASP A 6 -7.22 -19.86 -16.92
C ASP A 6 -7.62 -20.49 -18.26
N TYR A 7 -6.64 -20.89 -19.07
CA TYR A 7 -6.93 -21.58 -20.31
C TYR A 7 -5.89 -22.63 -20.61
N ILE A 8 -6.33 -23.69 -21.25
CA ILE A 8 -5.46 -24.73 -21.75
C ILE A 8 -5.69 -24.79 -23.26
N THR A 9 -4.74 -25.36 -23.98
CA THR A 9 -4.87 -25.48 -25.43
C THR A 9 -5.09 -26.93 -25.76
N GLU A 10 -6.16 -27.20 -26.51
CA GLU A 10 -6.51 -28.55 -26.89
C GLU A 10 -6.65 -28.59 -28.38
N ASP A 11 -5.70 -29.24 -29.07
CA ASP A 11 -5.68 -29.33 -30.52
C ASP A 11 -5.61 -27.92 -31.15
N GLY A 12 -4.79 -27.06 -30.56
CA GLY A 12 -4.59 -25.71 -31.05
C GLY A 12 -5.68 -24.71 -30.71
N LYS A 13 -6.71 -25.16 -29.98
CA LYS A 13 -7.82 -24.28 -29.61
C LYS A 13 -7.84 -23.97 -28.13
N PRO A 14 -8.08 -22.70 -27.77
CA PRO A 14 -8.11 -22.33 -26.35
C PRO A 14 -9.38 -22.78 -25.67
N VAL A 15 -9.24 -23.32 -24.47
CA VAL A 15 -10.37 -23.77 -23.68
C VAL A 15 -10.30 -23.08 -22.33
N ILE A 16 -11.27 -22.22 -22.03
CA ILE A 16 -11.30 -21.53 -20.76
C ILE A 16 -11.71 -22.50 -19.68
N ARG A 17 -11.03 -22.45 -18.54
CA ARG A 17 -11.39 -23.24 -17.40
C ARG A 17 -11.82 -22.29 -16.29
N ILE A 18 -13.04 -22.45 -15.80
CA ILE A 18 -13.55 -21.63 -14.69
C ILE A 18 -13.55 -22.48 -13.44
N PHE A 19 -12.72 -22.13 -12.47
CA PHE A 19 -12.63 -22.88 -11.22
C PHE A 19 -13.66 -22.34 -10.25
N LYS A 20 -14.59 -23.18 -9.80
CA LYS A 20 -15.67 -22.76 -8.93
C LYS A 20 -15.81 -23.61 -7.67
N LYS A 21 -16.49 -23.07 -6.67
CA LYS A 21 -16.78 -23.77 -5.43
C LYS A 21 -18.26 -23.54 -5.11
N GLU A 22 -19.11 -24.54 -5.33
CA GLU A 22 -20.55 -24.42 -5.11
C GLU A 22 -21.06 -25.54 -4.20
N ASN A 23 -21.80 -25.19 -3.15
CA ASN A 23 -22.37 -26.13 -2.16
C ASN A 23 -21.32 -27.06 -1.54
N GLY A 24 -20.16 -26.50 -1.25
CA GLY A 24 -19.06 -27.25 -0.66
C GLY A 24 -18.34 -28.18 -1.60
N GLU A 25 -18.57 -28.03 -2.93
CA GLU A 25 -17.92 -28.90 -3.89
C GLU A 25 -17.20 -28.13 -5.01
N PHE A 26 -15.99 -28.57 -5.29
CA PHE A 26 -15.14 -27.98 -6.30
C PHE A 26 -15.62 -28.38 -7.69
N LYS A 27 -15.66 -27.42 -8.62
CA LYS A 27 -16.11 -27.67 -9.98
C LYS A 27 -15.24 -26.96 -11.01
N ILE A 28 -15.03 -27.59 -12.17
CA ILE A 28 -14.31 -26.95 -13.27
C ILE A 28 -15.25 -26.88 -14.45
N ASP A 29 -15.57 -25.67 -14.90
CA ASP A 29 -16.42 -25.49 -16.07
C ASP A 29 -15.54 -25.17 -17.27
N TYR A 30 -15.92 -25.68 -18.44
CA TYR A 30 -15.14 -25.45 -19.63
C TYR A 30 -15.91 -24.66 -20.67
N ASP A 31 -15.22 -23.73 -21.34
CA ASP A 31 -15.83 -22.95 -22.40
C ASP A 31 -14.89 -22.98 -23.61
N ARG A 32 -15.33 -23.61 -24.69
CA ARG A 32 -14.53 -23.71 -25.89
C ARG A 32 -14.98 -22.74 -26.98
N ASN A 33 -15.84 -21.76 -26.65
CA ASN A 33 -16.40 -20.86 -27.65
C ASN A 33 -16.03 -19.38 -27.46
N PHE A 34 -15.05 -19.08 -26.60
CA PHE A 34 -14.62 -17.70 -26.41
C PHE A 34 -13.52 -17.39 -27.41
N GLU A 35 -13.77 -16.43 -28.29
CA GLU A 35 -12.81 -16.06 -29.31
C GLU A 35 -12.01 -14.86 -28.92
N PRO A 36 -10.67 -14.97 -29.01
CA PRO A 36 -9.82 -13.81 -28.75
C PRO A 36 -9.96 -12.79 -29.89
N TYR A 37 -9.80 -11.52 -29.56
CA TYR A 37 -9.93 -10.48 -30.55
C TYR A 37 -9.04 -9.25 -30.22
N ILE A 38 -8.96 -8.33 -31.18
CA ILE A 38 -8.22 -7.07 -31.16
C ILE A 38 -9.03 -6.06 -31.99
N TYR A 39 -8.96 -4.76 -31.70
CA TYR A 39 -9.62 -3.77 -32.56
C TYR A 39 -8.60 -3.10 -33.48
N ALA A 40 -9.05 -2.64 -34.64
CA ALA A 40 -8.16 -1.97 -35.60
C ALA A 40 -8.86 -0.80 -36.25
N LEU A 41 -8.28 0.40 -36.13
CA LEU A 41 -8.86 1.59 -36.73
C LEU A 41 -8.29 1.75 -38.12
N LEU A 42 -9.14 1.67 -39.14
CA LEU A 42 -8.69 1.81 -40.52
C LEU A 42 -9.09 3.16 -41.07
N LYS A 43 -8.24 3.72 -41.92
CA LYS A 43 -8.56 4.98 -42.58
C LYS A 43 -9.51 4.80 -43.78
N ASP A 44 -9.71 3.54 -44.24
CA ASP A 44 -10.61 3.23 -45.33
C ASP A 44 -11.20 1.82 -45.14
N ASP A 45 -12.53 1.69 -45.25
CA ASP A 45 -13.19 0.40 -45.11
C ASP A 45 -12.77 -0.60 -46.17
N SER A 46 -12.39 -0.10 -47.36
CA SER A 46 -11.93 -0.95 -48.47
C SER A 46 -10.67 -1.75 -48.10
N ALA A 47 -9.87 -1.23 -47.16
CA ALA A 47 -8.63 -1.87 -46.73
C ALA A 47 -8.82 -3.12 -45.88
N ILE A 48 -10.05 -3.43 -45.46
CA ILE A 48 -10.32 -4.61 -44.65
C ILE A 48 -9.94 -5.90 -45.36
N GLU A 49 -10.06 -5.94 -46.68
CA GLU A 49 -9.71 -7.12 -47.46
C GLU A 49 -8.21 -7.38 -47.47
N ASP A 50 -7.41 -6.33 -47.37
CA ASP A 50 -5.96 -6.47 -47.30
C ASP A 50 -5.54 -6.91 -45.90
N VAL A 51 -6.18 -6.36 -44.86
CA VAL A 51 -5.81 -6.73 -43.50
C VAL A 51 -6.29 -8.14 -43.13
N LYS A 52 -7.36 -8.63 -43.76
CA LYS A 52 -7.82 -9.99 -43.53
C LYS A 52 -6.77 -11.02 -44.00
N LYS A 53 -5.99 -10.67 -45.04
CA LYS A 53 -4.97 -11.54 -45.59
C LYS A 53 -3.59 -11.43 -44.92
N ILE A 54 -3.48 -10.65 -43.84
CA ILE A 54 -2.22 -10.53 -43.11
C ILE A 54 -1.99 -11.81 -42.34
N THR A 55 -0.79 -12.37 -42.45
CA THR A 55 -0.46 -13.62 -41.76
C THR A 55 0.83 -13.51 -40.96
N ALA A 56 0.97 -14.38 -39.96
CA ALA A 56 2.16 -14.48 -39.11
C ALA A 56 2.44 -15.98 -38.82
N GLU A 57 3.54 -16.35 -38.12
CA GLU A 57 3.80 -17.76 -37.82
C GLU A 57 4.18 -17.99 -36.38
N ARG A 58 3.43 -18.87 -35.73
CA ARG A 58 3.59 -19.25 -34.33
C ARG A 58 3.94 -20.72 -34.29
N HIS A 59 5.21 -21.04 -34.10
CA HIS A 59 5.68 -22.43 -33.99
C HIS A 59 5.32 -23.30 -35.20
N GLY A 60 5.75 -22.87 -36.39
CA GLY A 60 5.52 -23.62 -37.61
C GLY A 60 4.17 -23.38 -38.27
N THR A 61 3.10 -23.32 -37.48
CA THR A 61 1.77 -23.12 -38.04
C THR A 61 1.52 -21.67 -38.41
N THR A 62 0.78 -21.45 -39.52
CA THR A 62 0.44 -20.12 -40.02
C THR A 62 -0.72 -19.52 -39.22
N VAL A 63 -0.50 -18.31 -38.67
CA VAL A 63 -1.45 -17.50 -37.93
C VAL A 63 -2.22 -16.65 -38.91
N ARG A 64 -3.55 -16.75 -38.89
CA ARG A 64 -4.37 -15.92 -39.78
C ARG A 64 -5.54 -15.26 -39.05
N VAL A 65 -6.17 -14.27 -39.70
CA VAL A 65 -7.31 -13.59 -39.13
C VAL A 65 -8.56 -14.44 -39.43
N VAL A 66 -9.22 -14.96 -38.38
CA VAL A 66 -10.43 -15.77 -38.56
C VAL A 66 -11.55 -15.00 -39.27
N ARG A 67 -11.96 -13.86 -38.70
CA ARG A 67 -12.99 -13.04 -39.30
C ARG A 67 -12.95 -11.63 -38.74
N ALA A 68 -13.57 -10.69 -39.43
CA ALA A 68 -13.62 -9.31 -38.98
C ALA A 68 -15.03 -8.76 -39.11
N GLU A 69 -15.43 -7.91 -38.18
CA GLU A 69 -16.73 -7.27 -38.22
C GLU A 69 -16.63 -5.84 -37.74
N LYS A 70 -17.31 -4.91 -38.43
CA LYS A 70 -17.23 -3.51 -38.07
C LYS A 70 -18.13 -3.25 -36.86
N VAL A 71 -17.58 -2.59 -35.83
CA VAL A 71 -18.26 -2.31 -34.57
C VAL A 71 -18.24 -0.80 -34.27
N LYS A 72 -19.27 -0.29 -33.59
CA LYS A 72 -19.31 1.11 -33.19
C LYS A 72 -19.06 1.18 -31.68
N LYS A 73 -18.01 1.90 -31.28
CA LYS A 73 -17.67 2.06 -29.88
C LYS A 73 -17.43 3.56 -29.57
N LYS A 74 -17.18 3.91 -28.31
CA LYS A 74 -16.87 5.29 -27.96
C LYS A 74 -15.37 5.36 -27.62
N PHE A 75 -14.69 6.39 -28.09
CA PHE A 75 -13.28 6.58 -27.80
C PHE A 75 -13.08 8.02 -27.44
N LEU A 76 -12.79 8.30 -26.16
CA LEU A 76 -12.65 9.66 -25.66
C LEU A 76 -13.96 10.43 -25.85
N GLY A 77 -15.07 9.76 -25.52
CA GLY A 77 -16.41 10.34 -25.62
C GLY A 77 -16.98 10.33 -27.02
N ARG A 78 -16.12 10.62 -28.01
CA ARG A 78 -16.52 10.67 -29.41
C ARG A 78 -16.77 9.27 -29.97
N PRO A 79 -17.79 9.12 -30.81
CA PRO A 79 -18.04 7.80 -31.43
C PRO A 79 -16.90 7.41 -32.36
N ILE A 80 -16.66 6.11 -32.49
CA ILE A 80 -15.60 5.59 -33.33
C ILE A 80 -16.02 4.28 -33.95
N GLU A 81 -15.71 4.11 -35.23
CA GLU A 81 -16.02 2.87 -35.92
C GLU A 81 -14.68 2.19 -36.14
N VAL A 82 -14.56 0.99 -35.60
CA VAL A 82 -13.33 0.22 -35.58
C VAL A 82 -13.64 -1.23 -36.02
N TRP A 83 -12.64 -1.96 -36.53
CA TRP A 83 -12.85 -3.34 -36.96
C TRP A 83 -12.46 -4.33 -35.86
N LYS A 84 -13.40 -5.19 -35.45
CA LYS A 84 -13.13 -6.22 -34.44
C LYS A 84 -12.52 -7.42 -35.16
N LEU A 85 -11.23 -7.67 -34.95
CA LEU A 85 -10.52 -8.77 -35.61
C LEU A 85 -10.45 -9.99 -34.71
N TYR A 86 -11.04 -11.11 -35.15
CA TYR A 86 -11.02 -12.34 -34.36
C TYR A 86 -9.87 -13.25 -34.74
N PHE A 87 -9.42 -14.08 -33.79
CA PHE A 87 -8.32 -15.03 -33.98
C PHE A 87 -8.68 -16.40 -33.39
N THR A 88 -7.90 -17.43 -33.73
CA THR A 88 -8.15 -18.77 -33.22
C THR A 88 -7.68 -18.91 -31.77
N HIS A 89 -6.46 -18.44 -31.49
CA HIS A 89 -5.81 -18.59 -30.20
C HIS A 89 -5.30 -17.27 -29.66
N PRO A 90 -5.37 -17.04 -28.33
CA PRO A 90 -4.87 -15.77 -27.76
C PRO A 90 -3.39 -15.52 -28.03
N GLN A 91 -2.58 -16.59 -28.16
CA GLN A 91 -1.16 -16.44 -28.46
C GLN A 91 -0.89 -15.95 -29.90
N ASP A 92 -1.93 -15.93 -30.76
CA ASP A 92 -1.84 -15.40 -32.12
C ASP A 92 -1.70 -13.88 -32.08
N GLN A 93 -2.31 -13.22 -31.07
CA GLN A 93 -2.28 -11.77 -30.92
C GLN A 93 -0.86 -11.20 -30.85
N PRO A 94 0.03 -11.65 -29.94
CA PRO A 94 1.40 -11.08 -29.92
C PRO A 94 2.19 -11.37 -31.19
N ALA A 95 1.81 -12.42 -31.94
CA ALA A 95 2.49 -12.85 -33.15
C ALA A 95 2.13 -12.04 -34.37
N ILE A 96 0.89 -11.54 -34.43
CA ILE A 96 0.43 -10.83 -35.62
C ILE A 96 0.16 -9.35 -35.43
N ARG A 97 -0.03 -8.89 -34.18
CA ARG A 97 -0.39 -7.51 -33.92
C ARG A 97 0.56 -6.48 -34.52
N ASP A 98 1.87 -6.78 -34.56
CA ASP A 98 2.83 -5.84 -35.11
C ASP A 98 2.74 -5.77 -36.61
N LYS A 99 2.48 -6.90 -37.27
CA LYS A 99 2.32 -6.91 -38.72
C LYS A 99 1.05 -6.13 -39.14
N ILE A 100 -0.01 -6.20 -38.32
CA ILE A 100 -1.27 -5.52 -38.58
C ILE A 100 -1.10 -4.02 -38.37
N LYS A 101 -0.39 -3.62 -37.31
CA LYS A 101 -0.16 -2.21 -37.00
C LYS A 101 0.67 -1.53 -38.09
N GLU A 102 1.73 -2.20 -38.55
CA GLU A 102 2.63 -1.67 -39.59
C GLU A 102 1.98 -1.50 -40.97
N HIS A 103 0.78 -2.04 -41.16
CA HIS A 103 0.07 -1.91 -42.43
C HIS A 103 -0.27 -0.44 -42.67
N PRO A 104 -0.01 0.07 -43.90
CA PRO A 104 -0.24 1.49 -44.20
C PRO A 104 -1.66 2.00 -43.92
N ALA A 105 -2.66 1.20 -44.23
CA ALA A 105 -4.05 1.61 -44.02
C ALA A 105 -4.54 1.51 -42.58
N VAL A 106 -3.68 1.05 -41.66
CA VAL A 106 -4.04 0.92 -40.26
C VAL A 106 -3.56 2.10 -39.47
N VAL A 107 -4.50 2.87 -38.92
CA VAL A 107 -4.20 4.03 -38.08
C VAL A 107 -3.63 3.56 -36.75
N ASP A 108 -4.29 2.59 -36.11
CA ASP A 108 -3.85 2.03 -34.84
C ASP A 108 -4.64 0.76 -34.49
N ILE A 109 -4.15 -0.01 -33.51
CA ILE A 109 -4.82 -1.20 -32.98
C ILE A 109 -5.06 -1.05 -31.48
N TYR A 110 -6.08 -1.73 -30.94
CA TYR A 110 -6.46 -1.59 -29.53
C TYR A 110 -6.79 -2.90 -28.84
N GLU A 111 -6.73 -2.94 -27.49
CA GLU A 111 -7.06 -4.09 -26.65
C GLU A 111 -6.43 -5.39 -27.16
N TYR A 112 -5.13 -5.33 -27.43
CA TYR A 112 -4.35 -6.43 -27.98
C TYR A 112 -3.42 -7.10 -26.97
N ASP A 113 -3.35 -6.58 -25.74
CA ASP A 113 -2.46 -7.11 -24.71
C ASP A 113 -3.22 -7.45 -23.44
N ILE A 114 -4.47 -7.88 -23.56
CA ILE A 114 -5.28 -8.21 -22.39
C ILE A 114 -5.33 -9.68 -22.21
N PRO A 115 -4.81 -10.21 -21.07
CA PRO A 115 -4.77 -11.66 -20.88
C PRO A 115 -6.11 -12.34 -21.09
N PHE A 116 -6.11 -13.40 -21.88
CA PHE A 116 -7.28 -14.16 -22.27
C PHE A 116 -8.24 -14.50 -21.13
N ALA A 117 -7.70 -15.08 -20.03
CA ALA A 117 -8.51 -15.46 -18.89
C ALA A 117 -9.15 -14.26 -18.18
N LYS A 118 -8.47 -13.10 -18.19
CA LYS A 118 -9.00 -11.86 -17.60
C LYS A 118 -10.00 -11.20 -18.54
N ARG A 119 -9.74 -11.26 -19.84
CA ARG A 119 -10.65 -10.79 -20.88
C ARG A 119 -11.97 -11.59 -20.77
N TYR A 120 -11.91 -12.90 -20.44
CA TYR A 120 -13.09 -13.73 -20.31
C TYR A 120 -13.97 -13.28 -19.14
N LEU A 121 -13.37 -12.99 -17.97
CA LEU A 121 -14.12 -12.56 -16.80
C LEU A 121 -14.84 -11.25 -17.07
N ILE A 122 -14.17 -10.32 -17.74
CA ILE A 122 -14.74 -9.02 -18.05
C ILE A 122 -15.86 -9.16 -19.05
N ASP A 123 -15.61 -9.85 -20.17
CA ASP A 123 -16.58 -9.96 -21.25
C ASP A 123 -17.81 -10.75 -20.87
N LYS A 124 -17.64 -11.78 -20.07
CA LYS A 124 -18.77 -12.57 -19.61
C LYS A 124 -19.52 -11.95 -18.43
N GLY A 125 -19.00 -10.85 -17.88
CA GLY A 125 -19.58 -10.17 -16.73
C GLY A 125 -19.49 -11.00 -15.46
N LEU A 126 -18.45 -11.84 -15.36
CA LEU A 126 -18.25 -12.71 -14.23
C LEU A 126 -17.43 -12.02 -13.15
N ILE A 127 -17.89 -12.12 -11.89
CA ILE A 127 -17.19 -11.51 -10.77
C ILE A 127 -16.73 -12.59 -9.81
N PRO A 128 -15.41 -12.70 -9.58
CA PRO A 128 -14.90 -13.70 -8.65
C PRO A 128 -15.23 -13.35 -7.20
N MET A 129 -15.24 -14.37 -6.33
CA MET A 129 -15.48 -14.20 -4.89
C MET A 129 -16.83 -13.62 -4.56
N GLU A 130 -17.84 -13.93 -5.37
CA GLU A 130 -19.18 -13.44 -5.12
C GLU A 130 -20.01 -14.57 -4.51
N GLY A 131 -20.78 -14.23 -3.48
CA GLY A 131 -21.60 -15.23 -2.79
C GLY A 131 -21.19 -15.44 -1.35
N ASP A 132 -21.88 -16.36 -0.65
CA ASP A 132 -21.61 -16.64 0.76
C ASP A 132 -20.93 -17.99 1.00
N GLU A 133 -20.22 -18.50 -0.01
CA GLU A 133 -19.52 -19.76 0.08
C GLU A 133 -18.36 -19.65 1.07
N GLU A 134 -18.24 -20.63 1.98
CA GLU A 134 -17.15 -20.62 2.95
C GLU A 134 -15.99 -21.45 2.44
N LEU A 135 -14.83 -20.81 2.26
CA LEU A 135 -13.65 -21.49 1.74
C LEU A 135 -12.87 -22.21 2.83
N LYS A 136 -12.38 -23.43 2.53
CA LYS A 136 -11.57 -24.17 3.47
C LYS A 136 -10.14 -23.71 3.30
N MET A 137 -9.50 -23.23 4.37
CA MET A 137 -8.14 -22.72 4.27
C MET A 137 -7.15 -23.56 5.04
N LEU A 138 -5.91 -23.58 4.57
CA LEU A 138 -4.84 -24.31 5.24
C LEU A 138 -3.57 -23.51 5.10
N ALA A 139 -2.91 -23.21 6.21
CA ALA A 139 -1.64 -22.52 6.18
C ALA A 139 -0.51 -23.51 6.33
N PHE A 140 0.69 -23.15 5.85
CA PHE A 140 1.84 -24.02 6.03
C PHE A 140 3.15 -23.22 6.06
N ALA A 141 4.17 -23.81 6.65
CA ALA A 141 5.49 -23.20 6.77
C ALA A 141 6.54 -24.29 6.82
N ILE A 142 7.79 -23.94 6.51
CA ILE A 142 8.88 -24.91 6.56
C ILE A 142 10.05 -24.37 7.38
N ALA A 143 10.86 -25.30 7.92
CA ALA A 143 12.08 -24.98 8.64
C ALA A 143 13.20 -25.72 7.90
N THR A 144 14.32 -25.04 7.66
CA THR A 144 15.41 -25.61 6.87
C THR A 144 16.77 -25.61 7.58
N LEU A 145 17.71 -26.44 7.09
CA LEU A 145 19.07 -26.48 7.63
C LEU A 145 19.89 -25.46 6.85
N TYR A 146 20.31 -24.38 7.53
CA TYR A 146 21.07 -23.33 6.85
C TYR A 146 22.54 -23.27 7.21
N HIS A 147 23.39 -23.12 6.20
CA HIS A 147 24.83 -22.92 6.31
C HIS A 147 25.18 -21.74 5.41
N GLU A 148 26.02 -20.83 5.91
CA GLU A 148 26.38 -19.54 5.30
C GLU A 148 26.72 -19.54 3.78
N GLY A 149 27.72 -20.31 3.36
CA GLY A 149 28.15 -20.27 1.97
C GLY A 149 27.64 -21.37 1.06
N GLU A 150 26.43 -21.89 1.33
CA GLU A 150 25.87 -22.94 0.49
C GLU A 150 24.80 -22.43 -0.48
N GLU A 151 24.57 -23.19 -1.57
CA GLU A 151 23.58 -22.84 -2.58
C GLU A 151 22.16 -22.85 -1.99
N PHE A 152 21.18 -22.35 -2.78
CA PHE A 152 19.79 -22.37 -2.36
C PHE A 152 19.32 -23.81 -2.26
N ALA A 153 18.63 -24.14 -1.16
CA ALA A 153 18.10 -25.47 -0.90
C ALA A 153 19.14 -26.58 -0.94
N GLU A 154 20.40 -26.25 -0.60
CA GLU A 154 21.46 -27.26 -0.51
C GLU A 154 21.21 -28.13 0.75
N GLY A 155 20.75 -27.50 1.81
CA GLY A 155 20.40 -28.17 3.06
C GLY A 155 18.98 -28.68 2.99
N PRO A 156 18.71 -29.77 3.69
CA PRO A 156 17.35 -30.34 3.65
C PRO A 156 16.30 -29.56 4.41
N ILE A 157 15.03 -29.86 4.15
CA ILE A 157 13.94 -29.29 4.91
C ILE A 157 13.88 -30.12 6.17
N LEU A 158 13.93 -29.46 7.31
CA LEU A 158 13.93 -30.14 8.60
C LEU A 158 12.52 -30.44 9.07
N MET A 159 11.61 -29.46 8.93
CA MET A 159 10.23 -29.62 9.38
C MET A 159 9.25 -28.93 8.46
N ILE A 160 8.06 -29.50 8.33
CA ILE A 160 6.98 -28.88 7.58
C ILE A 160 5.81 -28.78 8.53
N SER A 161 5.33 -27.57 8.81
CA SER A 161 4.19 -27.38 9.70
C SER A 161 2.97 -26.87 8.95
N TYR A 162 1.78 -27.20 9.45
CA TYR A 162 0.54 -26.75 8.85
C TYR A 162 -0.50 -26.43 9.91
N ALA A 163 -1.48 -25.58 9.60
CA ALA A 163 -2.51 -25.20 10.55
C ALA A 163 -3.84 -24.81 9.92
N ASP A 164 -4.93 -25.17 10.60
CA ASP A 164 -6.28 -24.81 10.19
C ASP A 164 -7.19 -24.75 11.44
N GLU A 165 -8.52 -24.87 11.27
CA GLU A 165 -9.44 -24.87 12.40
C GLU A 165 -9.21 -26.05 13.35
N GLU A 166 -8.67 -27.18 12.84
CA GLU A 166 -8.38 -28.34 13.67
C GLU A 166 -7.15 -28.12 14.58
N GLY A 167 -6.34 -27.11 14.30
CA GLY A 167 -5.14 -26.80 15.07
C GLY A 167 -3.89 -26.79 14.22
N ALA A 168 -2.72 -26.79 14.88
CA ALA A 168 -1.44 -26.78 14.15
C ALA A 168 -0.62 -28.05 14.43
N ARG A 169 0.00 -28.61 13.38
CA ARG A 169 0.82 -29.82 13.51
C ARG A 169 2.18 -29.66 12.83
N VAL A 170 3.17 -30.47 13.21
CA VAL A 170 4.50 -30.41 12.63
C VAL A 170 4.94 -31.79 12.15
N ILE A 171 5.41 -31.89 10.91
CA ILE A 171 5.92 -33.15 10.36
C ILE A 171 7.45 -33.04 10.35
N THR A 172 8.13 -34.02 10.93
CA THR A 172 9.59 -34.01 11.03
C THR A 172 10.15 -35.42 10.88
N TRP A 173 11.43 -35.56 10.52
CA TRP A 173 12.06 -36.85 10.41
C TRP A 173 13.06 -37.15 11.54
N LYS A 174 12.81 -36.58 12.72
CA LYS A 174 13.54 -36.82 13.94
C LYS A 174 12.54 -37.02 15.09
N ASN A 175 12.89 -37.83 16.08
CA ASN A 175 11.98 -38.11 17.19
C ASN A 175 11.81 -36.93 18.14
N ILE A 176 10.60 -36.35 18.17
CA ILE A 176 10.24 -35.23 19.04
C ILE A 176 9.00 -35.66 19.86
N ASP A 177 9.13 -35.74 21.19
CA ASP A 177 8.01 -36.17 22.04
C ASP A 177 7.02 -35.06 22.37
N LEU A 178 6.44 -34.44 21.32
CA LEU A 178 5.45 -33.36 21.45
C LEU A 178 4.12 -33.87 20.85
N PRO A 179 2.98 -33.52 21.48
CA PRO A 179 1.68 -34.02 21.00
C PRO A 179 1.29 -33.63 19.58
N TYR A 180 1.76 -32.47 19.12
CA TYR A 180 1.44 -31.99 17.78
C TYR A 180 2.49 -32.34 16.71
N VAL A 181 3.49 -33.16 17.06
CA VAL A 181 4.51 -33.56 16.11
C VAL A 181 4.24 -34.96 15.55
N ASP A 182 4.30 -35.09 14.23
CA ASP A 182 4.15 -36.36 13.55
C ASP A 182 5.53 -36.74 13.02
N VAL A 183 6.02 -37.91 13.43
CA VAL A 183 7.36 -38.35 13.05
C VAL A 183 7.38 -39.33 11.89
N VAL A 184 8.22 -39.04 10.90
CA VAL A 184 8.45 -39.90 9.73
C VAL A 184 9.94 -40.30 9.67
N SER A 185 10.30 -41.23 8.77
CA SER A 185 11.67 -41.73 8.68
C SER A 185 12.66 -40.79 7.99
N THR A 186 12.25 -40.15 6.89
CA THR A 186 13.15 -39.31 6.10
C THR A 186 12.51 -37.98 5.67
N GLU A 187 13.33 -37.08 5.11
CA GLU A 187 12.88 -35.83 4.53
C GLU A 187 11.91 -36.13 3.36
N LYS A 188 12.20 -37.19 2.58
CA LYS A 188 11.38 -37.65 1.47
C LYS A 188 9.99 -38.04 1.97
N GLU A 189 9.95 -38.78 3.09
CA GLU A 189 8.69 -39.21 3.69
C GLU A 189 7.92 -38.03 4.28
N MET A 190 8.62 -37.01 4.77
CA MET A 190 8.01 -35.82 5.34
C MET A 190 7.28 -35.05 4.25
N ILE A 191 7.90 -34.90 3.07
CA ILE A 191 7.31 -34.21 1.94
C ILE A 191 6.11 -34.98 1.44
N LYS A 192 6.24 -36.31 1.31
CA LYS A 192 5.13 -37.16 0.88
C LYS A 192 3.97 -37.08 1.86
N ARG A 193 4.26 -37.01 3.16
CA ARG A 193 3.25 -36.90 4.21
C ARG A 193 2.51 -35.58 4.09
N PHE A 194 3.23 -34.49 3.78
CA PHE A 194 2.63 -33.18 3.59
C PHE A 194 1.67 -33.19 2.40
N LEU A 195 2.05 -33.85 1.32
CA LEU A 195 1.21 -33.95 0.14
C LEU A 195 -0.10 -34.68 0.46
N LYS A 196 -0.04 -35.74 1.27
CA LYS A 196 -1.23 -36.50 1.66
C LYS A 196 -2.15 -35.65 2.52
N VAL A 197 -1.59 -34.79 3.40
CA VAL A 197 -2.39 -33.91 4.24
C VAL A 197 -3.18 -32.94 3.37
N VAL A 198 -2.51 -32.28 2.42
CA VAL A 198 -3.16 -31.33 1.51
C VAL A 198 -4.22 -32.03 0.67
N LYS A 199 -3.94 -33.26 0.23
CA LYS A 199 -4.89 -34.01 -0.59
C LYS A 199 -6.12 -34.41 0.21
N GLU A 200 -5.92 -34.83 1.47
CA GLU A 200 -7.01 -35.28 2.34
C GLU A 200 -7.85 -34.10 2.81
N LYS A 201 -7.20 -33.01 3.20
CA LYS A 201 -7.88 -31.81 3.65
C LYS A 201 -8.57 -31.09 2.48
N ASP A 202 -7.95 -31.14 1.28
CA ASP A 202 -8.42 -30.50 0.05
C ASP A 202 -8.83 -29.03 0.27
N PRO A 203 -7.89 -28.18 0.74
CA PRO A 203 -8.26 -26.79 0.99
C PRO A 203 -8.46 -25.98 -0.28
N ASP A 204 -9.35 -25.01 -0.22
CA ASP A 204 -9.57 -24.08 -1.32
C ASP A 204 -8.46 -23.02 -1.32
N VAL A 205 -7.88 -22.70 -0.15
CA VAL A 205 -6.83 -21.69 -0.02
C VAL A 205 -5.60 -22.26 0.69
N LEU A 206 -4.42 -22.02 0.11
CA LEU A 206 -3.15 -22.38 0.74
C LEU A 206 -2.50 -21.07 1.18
N ILE A 207 -2.32 -20.89 2.48
CA ILE A 207 -1.79 -19.65 3.04
C ILE A 207 -0.32 -19.77 3.41
N THR A 208 0.52 -18.85 2.90
CA THR A 208 1.95 -18.85 3.21
C THR A 208 2.42 -17.43 3.61
N TYR A 209 3.64 -17.33 4.16
CA TYR A 209 4.27 -16.06 4.41
C TYR A 209 5.57 -16.09 3.64
N ASN A 210 5.60 -15.38 2.51
CA ASN A 210 6.70 -15.33 1.55
C ASN A 210 6.86 -16.65 0.79
N GLY A 211 5.76 -17.38 0.62
CA GLY A 211 5.75 -18.62 -0.15
C GLY A 211 6.04 -18.40 -1.62
N ASP A 212 5.77 -17.19 -2.13
CA ASP A 212 6.03 -16.84 -3.52
C ASP A 212 7.53 -16.87 -3.84
N ASN A 213 8.38 -16.51 -2.87
CA ASN A 213 9.82 -16.43 -3.13
C ASN A 213 10.71 -17.32 -2.29
N PHE A 214 10.12 -18.18 -1.44
CA PHE A 214 10.94 -19.06 -0.61
C PHE A 214 10.40 -20.48 -0.52
N ASP A 215 9.30 -20.67 0.23
CA ASP A 215 8.73 -21.97 0.55
C ASP A 215 8.51 -22.89 -0.64
N PHE A 216 7.77 -22.41 -1.66
CA PHE A 216 7.50 -23.23 -2.83
C PHE A 216 8.76 -23.53 -3.62
N ALA A 217 9.67 -22.57 -3.73
CA ALA A 217 10.92 -22.76 -4.45
C ALA A 217 11.80 -23.79 -3.75
N TYR A 218 11.82 -23.76 -2.41
CA TYR A 218 12.62 -24.69 -1.62
C TYR A 218 12.06 -26.09 -1.74
N LEU A 219 10.72 -26.22 -1.63
CA LEU A 219 10.06 -27.50 -1.77
C LEU A 219 10.30 -28.10 -3.16
N LYS A 220 10.28 -27.25 -4.19
CA LYS A 220 10.50 -27.68 -5.55
C LYS A 220 11.90 -28.28 -5.75
N LYS A 221 12.94 -27.58 -5.30
CA LYS A 221 14.32 -28.07 -5.46
C LYS A 221 14.55 -29.36 -4.68
N ARG A 222 13.96 -29.46 -3.49
CA ARG A 222 14.09 -30.65 -2.66
C ARG A 222 13.34 -31.84 -3.22
N SER A 223 12.14 -31.62 -3.75
CA SER A 223 11.35 -32.71 -4.35
C SER A 223 12.02 -33.22 -5.61
N GLU A 224 12.72 -32.36 -6.35
CA GLU A 224 13.46 -32.75 -7.55
C GLU A 224 14.67 -33.58 -7.12
N LYS A 225 15.36 -33.17 -6.06
CA LYS A 225 16.53 -33.85 -5.54
C LYS A 225 16.19 -35.20 -4.90
N LEU A 226 14.98 -35.34 -4.36
CA LEU A 226 14.57 -36.59 -3.73
C LEU A 226 13.66 -37.48 -4.58
N GLY A 227 13.21 -36.98 -5.73
CA GLY A 227 12.36 -37.73 -6.62
C GLY A 227 10.94 -37.89 -6.11
N VAL A 228 10.30 -36.76 -5.81
CA VAL A 228 8.92 -36.72 -5.32
C VAL A 228 8.13 -35.79 -6.23
N LYS A 229 7.04 -36.27 -6.86
CA LYS A 229 6.22 -35.42 -7.72
C LYS A 229 5.44 -34.49 -6.81
N PHE A 230 5.77 -33.19 -6.83
CA PHE A 230 5.11 -32.22 -5.95
C PHE A 230 3.74 -31.80 -6.46
N ILE A 231 2.80 -32.72 -6.45
CA ILE A 231 1.46 -32.47 -6.94
C ILE A 231 0.56 -31.83 -5.89
N LEU A 232 0.43 -30.52 -5.96
CA LEU A 232 -0.42 -29.78 -5.02
C LEU A 232 -1.75 -29.36 -5.66
N GLY A 233 -1.75 -29.16 -6.98
CA GLY A 233 -2.92 -28.71 -7.72
C GLY A 233 -4.06 -29.70 -7.70
N ARG A 234 -5.28 -29.18 -7.80
CA ARG A 234 -6.49 -29.98 -7.79
C ARG A 234 -6.64 -30.89 -9.01
N GLU A 235 -5.90 -30.61 -10.10
CA GLU A 235 -5.92 -31.50 -11.25
C GLU A 235 -4.59 -32.29 -11.39
N GLY A 236 -3.84 -32.41 -10.30
CA GLY A 236 -2.60 -33.17 -10.29
C GLY A 236 -1.39 -32.41 -10.78
N SER A 237 -1.50 -31.09 -10.91
CA SER A 237 -0.37 -30.30 -11.39
C SER A 237 0.54 -29.85 -10.25
N GLU A 238 1.81 -29.60 -10.59
CA GLU A 238 2.77 -29.06 -9.63
C GLU A 238 2.56 -27.53 -9.57
N PRO A 239 2.97 -26.87 -8.46
CA PRO A 239 2.82 -25.41 -8.38
C PRO A 239 3.51 -24.69 -9.53
N LYS A 240 2.79 -23.80 -10.21
CA LYS A 240 3.32 -23.08 -11.35
C LYS A 240 4.00 -21.81 -10.89
N ILE A 241 5.25 -21.62 -11.30
CA ILE A 241 6.02 -20.44 -10.94
C ILE A 241 5.99 -19.39 -12.04
N GLN A 242 5.62 -18.16 -11.68
CA GLN A 242 5.55 -17.06 -12.62
C GLN A 242 6.44 -15.89 -12.22
N ARG A 243 6.76 -15.04 -13.19
CA ARG A 243 7.61 -13.90 -12.94
C ARG A 243 6.81 -12.63 -12.74
N MET A 244 7.02 -11.95 -11.61
CA MET A 244 6.36 -10.67 -11.34
C MET A 244 7.45 -9.61 -11.21
N GLY A 245 7.91 -9.12 -12.36
CA GLY A 245 8.98 -8.13 -12.41
C GLY A 245 10.30 -8.74 -12.02
N ASP A 246 10.89 -8.26 -10.93
CA ASP A 246 12.16 -8.76 -10.40
C ASP A 246 12.01 -9.92 -9.42
N ARG A 247 10.77 -10.24 -9.01
CA ARG A 247 10.48 -11.30 -8.05
C ARG A 247 9.62 -12.42 -8.68
N PHE A 248 9.12 -13.36 -7.87
CA PHE A 248 8.31 -14.47 -8.37
C PHE A 248 6.95 -14.57 -7.69
N ALA A 249 6.06 -15.37 -8.26
CA ALA A 249 4.73 -15.61 -7.73
C ALA A 249 4.33 -17.04 -8.05
N VAL A 250 3.67 -17.73 -7.12
CA VAL A 250 3.33 -19.12 -7.32
C VAL A 250 1.83 -19.40 -7.31
N GLU A 251 1.34 -20.09 -8.34
CA GLU A 251 -0.04 -20.50 -8.41
C GLU A 251 -0.13 -21.96 -8.00
N VAL A 252 -1.27 -22.35 -7.45
CA VAL A 252 -1.57 -23.76 -7.19
C VAL A 252 -2.92 -23.98 -7.84
N LYS A 253 -2.93 -24.55 -9.05
CA LYS A 253 -4.11 -24.76 -9.86
C LYS A 253 -5.25 -25.43 -9.12
N GLY A 254 -6.44 -24.86 -9.21
CA GLY A 254 -7.61 -25.40 -8.52
C GLY A 254 -7.82 -24.79 -7.14
N ARG A 255 -6.79 -24.20 -6.58
CA ARG A 255 -6.87 -23.54 -5.28
C ARG A 255 -6.35 -22.09 -5.37
N ILE A 256 -6.29 -21.39 -4.23
CA ILE A 256 -5.78 -20.03 -4.19
C ILE A 256 -4.56 -19.98 -3.31
N HIS A 257 -3.38 -19.71 -3.87
CA HIS A 257 -2.19 -19.55 -3.05
C HIS A 257 -2.22 -18.10 -2.55
N PHE A 258 -2.53 -17.94 -1.27
CA PHE A 258 -2.60 -16.63 -0.64
C PHE A 258 -1.32 -16.34 0.11
N ASP A 259 -0.41 -15.58 -0.52
CA ASP A 259 0.85 -15.21 0.13
C ASP A 259 0.59 -13.94 0.90
N LEU A 260 0.68 -14.01 2.23
CA LEU A 260 0.45 -12.87 3.10
C LEU A 260 1.50 -11.79 2.96
N TYR A 261 2.73 -12.13 2.55
CA TYR A 261 3.82 -11.16 2.50
C TYR A 261 3.52 -9.94 1.61
N PRO A 262 3.19 -10.07 0.31
CA PRO A 262 2.91 -8.86 -0.47
C PRO A 262 1.66 -8.11 -0.01
N VAL A 263 0.68 -8.83 0.58
CA VAL A 263 -0.56 -8.24 1.07
C VAL A 263 -0.28 -7.29 2.23
N ILE A 264 0.35 -7.82 3.30
CA ILE A 264 0.68 -7.04 4.47
C ILE A 264 1.65 -5.93 4.16
N ARG A 265 2.54 -6.14 3.19
CA ARG A 265 3.49 -5.13 2.75
C ARG A 265 2.78 -3.85 2.24
N ARG A 266 1.61 -4.02 1.62
CA ARG A 266 0.85 -2.87 1.12
C ARG A 266 -0.08 -2.28 2.17
N THR A 267 -0.83 -3.14 2.85
CA THR A 267 -1.85 -2.77 3.82
C THR A 267 -1.34 -2.04 5.07
N ILE A 268 -0.34 -2.62 5.75
CA ILE A 268 0.19 -2.12 7.01
C ILE A 268 1.57 -1.50 6.84
N ASN A 269 1.86 -0.40 7.56
CA ASN A 269 3.20 0.19 7.52
C ASN A 269 3.96 -0.15 8.80
N LEU A 270 5.01 -0.97 8.66
CA LEU A 270 5.83 -1.40 9.78
C LEU A 270 7.31 -1.15 9.50
N PRO A 271 8.12 -0.98 10.55
CA PRO A 271 9.57 -0.83 10.33
C PRO A 271 10.19 -2.11 9.70
N THR A 272 9.77 -3.28 10.19
CA THR A 272 10.25 -4.57 9.70
C THR A 272 9.06 -5.48 9.33
N TYR A 273 9.25 -6.38 8.36
CA TYR A 273 8.18 -7.27 7.93
C TYR A 273 8.46 -8.74 8.20
N THR A 274 9.11 -9.01 9.33
CA THR A 274 9.31 -10.40 9.75
C THR A 274 7.95 -10.93 10.22
N LEU A 275 7.74 -12.23 10.14
CA LEU A 275 6.48 -12.85 10.58
C LEU A 275 6.16 -12.50 12.05
N GLU A 276 7.20 -12.35 12.86
CA GLU A 276 7.08 -12.01 14.28
C GLU A 276 6.56 -10.59 14.47
N ALA A 277 7.14 -9.61 13.75
CA ALA A 277 6.73 -8.22 13.88
C ALA A 277 5.31 -8.01 13.38
N VAL A 278 4.96 -8.65 12.26
CA VAL A 278 3.63 -8.57 11.67
C VAL A 278 2.56 -9.12 12.61
N TYR A 279 2.78 -10.29 13.17
CA TYR A 279 1.82 -10.90 14.09
C TYR A 279 1.63 -10.05 15.34
N GLU A 280 2.73 -9.53 15.90
CA GLU A 280 2.71 -8.70 17.11
C GLU A 280 1.99 -7.37 16.89
N ALA A 281 1.96 -6.87 15.65
CA ALA A 281 1.28 -5.61 15.35
C ALA A 281 -0.19 -5.83 15.08
N ILE A 282 -0.55 -6.95 14.45
CA ILE A 282 -1.95 -7.22 14.11
C ILE A 282 -2.75 -7.78 15.28
N PHE A 283 -2.15 -8.68 16.05
CA PHE A 283 -2.86 -9.31 17.17
C PHE A 283 -2.43 -8.81 18.56
N GLY A 284 -1.40 -7.97 18.62
CA GLY A 284 -0.90 -7.44 19.89
C GLY A 284 -0.28 -8.46 20.82
N GLN A 285 0.04 -9.66 20.29
CA GLN A 285 0.61 -10.74 21.08
C GLN A 285 2.04 -11.05 20.62
N PRO A 286 2.94 -11.39 21.54
CA PRO A 286 4.33 -11.65 21.15
C PRO A 286 4.56 -12.98 20.45
N LYS A 287 5.63 -13.04 19.64
CA LYS A 287 6.05 -14.26 18.97
C LYS A 287 7.57 -14.30 18.94
N GLU A 288 8.16 -15.33 19.55
CA GLU A 288 9.61 -15.45 19.63
C GLU A 288 10.22 -15.94 18.33
N LYS A 289 11.36 -15.34 17.93
CA LYS A 289 12.06 -15.72 16.72
C LYS A 289 13.19 -16.71 17.06
N VAL A 290 13.29 -17.78 16.28
CA VAL A 290 14.37 -18.75 16.41
C VAL A 290 15.18 -18.66 15.13
N TYR A 291 16.42 -18.18 15.23
CA TYR A 291 17.27 -17.94 14.08
C TYR A 291 17.84 -19.21 13.46
N ALA A 292 18.29 -19.11 12.20
CA ALA A 292 18.84 -20.22 11.40
C ALA A 292 19.97 -20.92 12.11
N GLU A 293 20.84 -20.17 12.80
CA GLU A 293 21.97 -20.73 13.53
C GLU A 293 21.49 -21.66 14.64
N GLU A 294 20.49 -21.21 15.42
CA GLU A 294 19.94 -21.98 16.52
C GLU A 294 19.28 -23.26 16.02
N ILE A 295 18.59 -23.17 14.87
CA ILE A 295 17.92 -24.33 14.27
C ILE A 295 18.95 -25.36 13.82
N ALA A 296 20.00 -24.90 13.12
CA ALA A 296 21.05 -25.79 12.64
C ALA A 296 21.80 -26.44 13.80
N GLN A 297 22.13 -25.65 14.84
CA GLN A 297 22.83 -26.18 16.00
C GLN A 297 21.98 -27.22 16.72
N ALA A 298 20.68 -26.97 16.86
CA ALA A 298 19.79 -27.89 17.53
C ALA A 298 19.63 -29.20 16.77
N TRP A 299 19.62 -29.14 15.43
CA TRP A 299 19.45 -30.34 14.60
C TRP A 299 20.71 -31.19 14.57
N GLU A 300 21.88 -30.56 14.61
CA GLU A 300 23.15 -31.29 14.54
C GLU A 300 23.51 -31.90 15.90
N THR A 301 23.27 -31.16 16.98
CA THR A 301 23.52 -31.63 18.33
C THR A 301 22.40 -32.59 18.79
N GLY A 302 21.19 -32.38 18.29
CA GLY A 302 20.02 -33.16 18.69
C GLY A 302 19.44 -32.71 20.02
N GLU A 303 19.86 -31.54 20.52
CA GLU A 303 19.39 -31.02 21.78
C GLU A 303 18.68 -29.70 21.53
N GLY A 304 17.61 -29.45 22.24
CA GLY A 304 16.84 -28.21 22.08
C GLY A 304 15.88 -28.24 20.90
N LEU A 305 15.51 -29.45 20.44
CA LEU A 305 14.60 -29.62 19.33
C LEU A 305 13.15 -29.29 19.66
N GLU A 306 12.79 -29.26 20.96
CA GLU A 306 11.44 -28.90 21.40
C GLU A 306 11.18 -27.43 21.01
N ARG A 307 12.17 -26.56 21.29
CA ARG A 307 12.10 -25.13 21.00
C ARG A 307 11.96 -24.89 19.49
N VAL A 308 12.69 -25.66 18.68
CA VAL A 308 12.63 -25.54 17.24
C VAL A 308 11.26 -25.97 16.70
N ALA A 309 10.76 -27.13 17.18
CA ALA A 309 9.46 -27.65 16.75
C ALA A 309 8.31 -26.73 17.18
N ARG A 310 8.44 -26.09 18.34
CA ARG A 310 7.43 -25.14 18.82
C ARG A 310 7.42 -23.90 17.95
N TYR A 311 8.60 -23.43 17.51
CA TYR A 311 8.72 -22.28 16.61
C TYR A 311 8.08 -22.62 15.27
N SER A 312 8.32 -23.84 14.77
CA SER A 312 7.75 -24.33 13.52
C SER A 312 6.23 -24.36 13.62
N MET A 313 5.70 -24.82 14.76
CA MET A 313 4.27 -24.91 15.00
C MET A 313 3.64 -23.53 15.03
N GLU A 314 4.30 -22.58 15.70
CA GLU A 314 3.80 -21.21 15.81
C GLU A 314 3.79 -20.50 14.47
N ASP A 315 4.73 -20.82 13.58
CA ASP A 315 4.78 -20.21 12.25
C ASP A 315 3.52 -20.53 11.47
N ALA A 316 3.10 -21.81 11.47
CA ALA A 316 1.89 -22.24 10.77
C ALA A 316 0.65 -21.68 11.46
N LYS A 317 0.65 -21.67 12.80
CA LYS A 317 -0.47 -21.17 13.58
C LYS A 317 -0.73 -19.68 13.29
N VAL A 318 0.30 -18.83 13.41
CA VAL A 318 0.14 -17.39 13.17
C VAL A 318 -0.12 -17.08 11.72
N THR A 319 0.42 -17.87 10.78
CA THR A 319 0.14 -17.64 9.37
C THR A 319 -1.33 -17.93 9.06
N TYR A 320 -1.91 -18.95 9.73
CA TYR A 320 -3.33 -19.25 9.55
C TYR A 320 -4.16 -18.13 10.18
N GLU A 321 -3.75 -17.64 11.35
CA GLU A 321 -4.46 -16.57 12.04
C GLU A 321 -4.45 -15.29 11.22
N LEU A 322 -3.28 -14.93 10.66
CA LEU A 322 -3.15 -13.73 9.82
C LEU A 322 -3.91 -13.90 8.52
N GLY A 323 -3.87 -15.10 7.94
CA GLY A 323 -4.60 -15.40 6.72
C GLY A 323 -6.09 -15.26 6.92
N LYS A 324 -6.58 -15.69 8.08
CA LYS A 324 -7.99 -15.55 8.45
C LYS A 324 -8.37 -14.06 8.60
N GLU A 325 -7.42 -13.21 9.01
CA GLU A 325 -7.63 -11.80 9.22
C GLU A 325 -7.59 -10.96 7.95
N PHE A 326 -6.73 -11.33 6.99
CA PHE A 326 -6.57 -10.56 5.76
C PHE A 326 -7.33 -11.07 4.56
N PHE A 327 -7.66 -12.37 4.51
CA PHE A 327 -8.38 -12.92 3.35
C PHE A 327 -9.76 -12.27 3.11
N PRO A 328 -10.67 -12.16 4.10
CA PRO A 328 -11.96 -11.51 3.83
C PRO A 328 -11.88 -10.10 3.22
N MET A 329 -10.86 -9.32 3.59
CA MET A 329 -10.67 -8.00 3.01
C MET A 329 -10.20 -8.14 1.56
N GLU A 330 -9.28 -9.06 1.30
CA GLU A 330 -8.80 -9.32 -0.06
C GLU A 330 -9.88 -9.91 -0.97
N ALA A 331 -10.84 -10.63 -0.37
CA ALA A 331 -11.99 -11.20 -1.07
C ALA A 331 -12.91 -10.08 -1.53
N GLN A 332 -13.12 -9.06 -0.68
CA GLN A 332 -13.94 -7.89 -1.03
C GLN A 332 -13.25 -7.05 -2.07
N LEU A 333 -11.91 -6.94 -2.00
CA LEU A 333 -11.14 -6.21 -3.00
C LEU A 333 -11.24 -6.91 -4.33
N SER A 334 -11.17 -8.25 -4.34
CA SER A 334 -11.27 -9.03 -5.56
C SER A 334 -12.64 -8.82 -6.23
N ARG A 335 -13.70 -8.87 -5.43
CA ARG A 335 -15.06 -8.70 -5.90
C ARG A 335 -15.28 -7.25 -6.44
N LEU A 336 -14.61 -6.25 -5.82
CA LEU A 336 -14.71 -4.85 -6.23
C LEU A 336 -14.01 -4.60 -7.57
N VAL A 337 -12.77 -5.03 -7.70
CA VAL A 337 -12.01 -4.84 -8.93
C VAL A 337 -12.49 -5.76 -10.06
N GLY A 338 -13.02 -6.93 -9.71
CA GLY A 338 -13.53 -7.88 -10.68
C GLY A 338 -12.49 -8.87 -11.19
N GLN A 339 -11.42 -9.09 -10.42
CA GLN A 339 -10.36 -10.03 -10.79
C GLN A 339 -10.11 -11.02 -9.65
N SER A 340 -9.40 -12.13 -9.93
CA SER A 340 -9.16 -13.17 -8.94
C SER A 340 -8.44 -12.67 -7.71
N LEU A 341 -8.68 -13.32 -6.56
CA LEU A 341 -7.99 -12.94 -5.33
C LEU A 341 -6.46 -13.09 -5.47
N TRP A 342 -6.01 -14.09 -6.25
CA TRP A 342 -4.59 -14.32 -6.51
C TRP A 342 -3.95 -13.08 -7.14
N ASP A 343 -4.60 -12.50 -8.14
CA ASP A 343 -4.07 -11.31 -8.82
C ASP A 343 -4.19 -10.05 -7.97
N VAL A 344 -5.38 -9.79 -7.39
CA VAL A 344 -5.57 -8.56 -6.62
C VAL A 344 -4.66 -8.48 -5.39
N SER A 345 -4.40 -9.61 -4.72
CA SER A 345 -3.52 -9.64 -3.56
C SER A 345 -2.05 -9.37 -3.92
N ARG A 346 -1.68 -9.55 -5.19
CA ARG A 346 -0.34 -9.29 -5.68
C ARG A 346 -0.25 -8.04 -6.57
N SER A 347 -1.36 -7.31 -6.75
CA SER A 347 -1.38 -6.13 -7.60
C SER A 347 -1.24 -4.85 -6.81
N SER A 348 -0.60 -3.84 -7.43
CA SER A 348 -0.41 -2.52 -6.84
C SER A 348 -1.58 -1.58 -7.22
N THR A 349 -1.61 -0.36 -6.66
CA THR A 349 -2.65 0.65 -6.91
C THR A 349 -2.97 0.89 -8.38
N GLY A 350 -1.96 1.14 -9.20
CA GLY A 350 -2.13 1.42 -10.63
C GLY A 350 -2.83 0.31 -11.38
N ASN A 351 -2.45 -0.95 -11.11
CA ASN A 351 -3.05 -2.11 -11.77
C ASN A 351 -4.48 -2.35 -11.31
N LEU A 352 -4.77 -2.11 -10.03
CA LEU A 352 -6.11 -2.30 -9.50
C LEU A 352 -7.11 -1.35 -10.15
N VAL A 353 -6.73 -0.08 -10.32
CA VAL A 353 -7.57 0.94 -10.95
C VAL A 353 -7.77 0.55 -12.41
N GLU A 354 -6.70 0.18 -13.11
CA GLU A 354 -6.75 -0.19 -14.51
C GLU A 354 -7.67 -1.35 -14.81
N TRP A 355 -7.65 -2.39 -13.98
CA TRP A 355 -8.55 -3.53 -14.16
C TRP A 355 -10.00 -3.17 -13.91
N PHE A 356 -10.24 -2.26 -12.97
CA PHE A 356 -11.55 -1.75 -12.65
C PHE A 356 -12.07 -0.97 -13.86
N LEU A 357 -11.24 -0.09 -14.42
CA LEU A 357 -11.58 0.73 -15.58
C LEU A 357 -11.77 -0.11 -16.82
N LEU A 358 -10.98 -1.17 -16.98
CA LEU A 358 -11.10 -2.05 -18.13
C LEU A 358 -12.43 -2.79 -18.16
N ARG A 359 -12.92 -3.18 -16.98
CA ARG A 359 -14.21 -3.84 -16.89
C ARG A 359 -15.32 -2.83 -17.15
N LYS A 360 -15.23 -1.65 -16.52
CA LYS A 360 -16.23 -0.62 -16.72
C LYS A 360 -16.29 -0.15 -18.15
N ALA A 361 -15.14 -0.06 -18.82
CA ALA A 361 -15.06 0.39 -20.21
C ALA A 361 -15.81 -0.57 -21.10
N TYR A 362 -15.67 -1.88 -20.87
CA TYR A 362 -16.36 -2.90 -21.64
C TYR A 362 -17.86 -2.78 -21.43
N GLU A 363 -18.30 -2.56 -20.18
CA GLU A 363 -19.71 -2.44 -19.86
C GLU A 363 -20.36 -1.27 -20.56
N ARG A 364 -19.60 -0.17 -20.72
CA ARG A 364 -20.09 1.05 -21.35
C ARG A 364 -19.76 1.18 -22.83
N ASN A 365 -19.31 0.10 -23.49
CA ASN A 365 -18.93 0.13 -24.91
C ASN A 365 -17.85 1.18 -25.18
N GLU A 366 -16.94 1.34 -24.23
CA GLU A 366 -15.87 2.30 -24.31
C GLU A 366 -14.58 1.60 -24.75
N LEU A 367 -14.04 2.01 -25.89
CA LEU A 367 -12.81 1.46 -26.42
C LEU A 367 -11.68 1.93 -25.53
N ALA A 368 -10.90 0.99 -25.00
CA ALA A 368 -9.82 1.33 -24.10
C ALA A 368 -8.56 1.77 -24.83
N PRO A 369 -7.97 2.90 -24.38
CA PRO A 369 -6.69 3.32 -24.95
C PRO A 369 -5.57 2.34 -24.59
N ASN A 370 -4.53 2.26 -25.40
CA ASN A 370 -3.43 1.33 -25.19
C ASN A 370 -2.46 1.79 -24.09
N LYS A 371 -1.59 0.88 -23.65
CA LYS A 371 -0.51 1.22 -22.73
C LYS A 371 0.49 2.03 -23.57
N PRO A 372 1.23 2.94 -22.93
CA PRO A 372 2.19 3.76 -23.68
C PRO A 372 3.39 2.98 -24.21
N ASP A 373 3.83 3.28 -25.43
CA ASP A 373 5.07 2.68 -25.95
C ASP A 373 6.28 3.37 -25.28
N GLU A 374 7.51 2.92 -25.55
CA GLU A 374 8.69 3.52 -24.92
C GLU A 374 8.85 5.01 -25.26
N ARG A 375 8.50 5.41 -26.49
CA ARG A 375 8.61 6.80 -26.88
C ARG A 375 7.62 7.66 -26.11
N GLU A 376 6.33 7.27 -26.12
CA GLU A 376 5.27 7.96 -25.40
C GLU A 376 5.54 7.99 -23.90
N LEU A 377 6.12 6.92 -23.36
CA LEU A 377 6.45 6.82 -21.94
C LEU A 377 7.46 7.87 -21.53
N ALA A 378 8.46 8.14 -22.39
CA ALA A 378 9.48 9.17 -22.14
C ALA A 378 8.89 10.59 -22.22
N ARG A 379 7.84 10.77 -23.02
CA ARG A 379 7.13 12.04 -23.12
C ARG A 379 6.33 12.36 -21.84
N ARG A 380 5.94 11.32 -21.08
CA ARG A 380 5.14 11.44 -19.88
C ARG A 380 5.95 11.56 -18.58
N ARG A 381 7.26 11.76 -18.67
CA ARG A 381 8.11 11.86 -17.47
C ARG A 381 8.10 13.27 -16.83
N GLU A 382 7.61 14.28 -17.58
CA GLU A 382 7.55 15.64 -17.07
C GLU A 382 6.54 15.79 -15.95
N SER A 383 6.90 16.56 -14.92
CA SER A 383 6.06 16.71 -13.74
C SER A 383 5.13 17.95 -13.80
N TYR A 384 4.41 18.23 -12.69
CA TYR A 384 3.50 19.34 -12.56
C TYR A 384 3.43 19.86 -11.11
N ALA A 385 2.78 21.01 -10.89
CA ALA A 385 2.67 21.57 -9.55
C ALA A 385 1.60 20.87 -8.71
N GLY A 386 1.91 20.60 -7.45
CA GLY A 386 1.02 19.89 -6.55
C GLY A 386 0.27 20.75 -5.57
N GLY A 387 0.09 20.26 -4.35
CA GLY A 387 -0.65 20.96 -3.30
C GLY A 387 0.00 22.22 -2.75
N TYR A 388 -0.82 23.08 -2.15
CA TYR A 388 -0.34 24.33 -1.55
C TYR A 388 0.10 24.14 -0.12
N VAL A 389 1.26 24.69 0.23
CA VAL A 389 1.76 24.63 1.60
C VAL A 389 2.11 26.03 2.08
N LYS A 390 1.37 26.54 3.07
CA LYS A 390 1.62 27.87 3.61
C LYS A 390 2.80 27.85 4.57
N GLU A 391 3.64 28.89 4.54
CA GLU A 391 4.75 29.00 5.50
C GLU A 391 4.11 29.38 6.83
N PRO A 392 4.31 28.57 7.87
CA PRO A 392 3.64 28.82 9.15
C PRO A 392 4.03 30.10 9.88
N GLU A 393 3.08 30.67 10.64
CA GLU A 393 3.30 31.85 11.45
C GLU A 393 3.91 31.36 12.76
N ARG A 394 5.19 31.67 12.96
CA ARG A 394 5.94 31.24 14.14
C ARG A 394 5.42 31.81 15.45
N GLY A 395 5.57 31.04 16.52
CA GLY A 395 5.13 31.40 17.87
C GLY A 395 4.17 30.39 18.47
N LEU A 396 3.82 30.56 19.75
CA LEU A 396 2.88 29.65 20.40
C LEU A 396 1.45 30.20 20.25
N TRP A 397 0.51 29.35 19.82
CA TRP A 397 -0.87 29.79 19.61
C TRP A 397 -1.86 29.06 20.50
N GLU A 398 -2.92 29.76 20.86
CA GLU A 398 -3.93 29.23 21.75
C GLU A 398 -5.29 29.10 21.07
N ASN A 399 -6.03 28.03 21.43
CA ASN A 399 -7.38 27.75 20.93
C ASN A 399 -7.45 27.72 19.41
N ILE A 400 -6.94 26.64 18.83
CA ILE A 400 -6.83 26.47 17.38
C ILE A 400 -7.84 25.48 16.81
N VAL A 401 -8.45 25.82 15.67
CA VAL A 401 -9.35 24.90 14.98
C VAL A 401 -8.72 24.40 13.68
N TYR A 402 -8.92 23.12 13.34
CA TYR A 402 -8.43 22.59 12.07
C TYR A 402 -9.58 22.33 11.15
N LEU A 403 -9.63 23.02 10.01
CA LEU A 403 -10.69 22.84 9.03
C LEU A 403 -10.11 22.23 7.76
N ASP A 404 -10.80 21.27 7.15
CA ASP A 404 -10.30 20.63 5.92
C ASP A 404 -11.42 20.15 5.00
N PHE A 405 -11.13 19.98 3.71
CA PHE A 405 -12.12 19.53 2.75
C PHE A 405 -12.36 18.03 2.80
N ARG A 406 -13.63 17.63 2.64
CA ARG A 406 -14.01 16.22 2.61
C ARG A 406 -13.78 15.73 1.18
N SER A 407 -12.85 14.77 1.00
CA SER A 407 -12.49 14.20 -0.31
C SER A 407 -12.24 15.30 -1.37
N LEU A 408 -11.28 16.21 -1.12
CA LEU A 408 -11.01 17.32 -2.02
C LEU A 408 -10.79 16.91 -3.48
N TYR A 409 -9.83 16.02 -3.75
CA TYR A 409 -9.51 15.63 -5.11
C TYR A 409 -10.64 14.84 -5.82
N PRO A 410 -11.29 13.82 -5.20
CA PRO A 410 -12.43 13.18 -5.88
C PRO A 410 -13.59 14.17 -6.09
N SER A 411 -13.81 15.10 -5.14
CA SER A 411 -14.86 16.10 -5.25
C SER A 411 -14.60 17.01 -6.43
N ILE A 412 -13.32 17.39 -6.67
CA ILE A 412 -12.95 18.24 -7.81
C ILE A 412 -13.20 17.51 -9.13
N ILE A 413 -12.82 16.25 -9.20
CA ILE A 413 -12.99 15.45 -10.42
C ILE A 413 -14.47 15.33 -10.80
N ILE A 414 -15.33 15.09 -9.81
CA ILE A 414 -16.76 14.96 -10.06
C ILE A 414 -17.39 16.32 -10.37
N THR A 415 -17.15 17.33 -9.51
CA THR A 415 -17.71 18.66 -9.64
C THR A 415 -17.36 19.31 -10.97
N HIS A 416 -16.08 19.26 -11.37
CA HIS A 416 -15.64 19.91 -12.60
C HIS A 416 -15.53 18.99 -13.80
N ASN A 417 -16.00 17.73 -13.68
CA ASN A 417 -16.02 16.75 -14.77
C ASN A 417 -14.63 16.58 -15.41
N VAL A 418 -13.59 16.49 -14.58
CA VAL A 418 -12.21 16.40 -15.04
C VAL A 418 -11.90 15.02 -15.63
N SER A 419 -11.68 14.98 -16.96
CA SER A 419 -11.45 13.73 -17.64
C SER A 419 -10.81 13.94 -19.02
N PRO A 420 -10.00 12.98 -19.50
CA PRO A 420 -9.40 13.14 -20.83
C PRO A 420 -10.41 13.23 -21.97
N ASP A 421 -11.62 12.69 -21.77
CA ASP A 421 -12.69 12.73 -22.76
C ASP A 421 -13.55 13.99 -22.70
N THR A 422 -13.35 14.85 -21.71
CA THR A 422 -14.03 16.14 -21.62
C THR A 422 -13.03 17.32 -21.81
N LEU A 423 -11.74 17.02 -21.86
CA LEU A 423 -10.69 18.01 -22.01
C LEU A 423 -10.73 18.67 -23.38
N ASN A 424 -10.87 20.01 -23.39
CA ASN A 424 -10.90 20.84 -24.60
C ASN A 424 -11.77 20.26 -25.73
N ARG A 425 -12.95 19.77 -25.37
CA ARG A 425 -13.89 19.18 -26.33
C ARG A 425 -14.42 20.28 -27.26
N GLU A 426 -14.52 20.03 -28.58
CA GLU A 426 -15.00 21.04 -29.53
C GLU A 426 -16.51 21.19 -29.46
N GLY A 427 -16.99 22.43 -29.50
CA GLY A 427 -18.42 22.75 -29.47
C GLY A 427 -19.04 22.66 -28.09
N CYS A 428 -18.32 23.15 -27.07
CA CYS A 428 -18.82 23.13 -25.68
C CYS A 428 -19.92 24.12 -25.47
N GLU A 429 -21.02 23.69 -24.87
CA GLU A 429 -22.09 24.60 -24.47
C GLU A 429 -21.81 25.12 -23.04
N GLU A 430 -21.16 24.28 -22.21
CA GLU A 430 -20.84 24.57 -20.83
C GLU A 430 -19.49 23.97 -20.49
N TYR A 431 -18.61 24.77 -19.90
CA TYR A 431 -17.30 24.29 -19.52
C TYR A 431 -16.81 24.94 -18.24
N ASP A 432 -15.93 24.24 -17.53
CA ASP A 432 -15.28 24.72 -16.32
C ASP A 432 -13.80 24.88 -16.64
N VAL A 433 -13.23 26.02 -16.25
CA VAL A 433 -11.85 26.31 -16.56
C VAL A 433 -10.97 26.17 -15.32
N ALA A 434 -9.92 25.34 -15.42
CA ALA A 434 -9.00 25.14 -14.32
C ALA A 434 -8.12 26.36 -14.12
N PRO A 435 -8.00 26.85 -12.88
CA PRO A 435 -7.16 28.03 -12.64
C PRO A 435 -5.70 27.77 -12.92
N GLN A 436 -4.95 28.82 -13.31
CA GLN A 436 -3.52 28.77 -13.63
C GLN A 436 -3.20 27.97 -14.90
N VAL A 437 -3.48 26.66 -14.93
CA VAL A 437 -3.22 25.78 -16.07
C VAL A 437 -4.16 26.06 -17.26
N GLY A 438 -5.37 26.53 -16.97
CA GLY A 438 -6.32 26.93 -18.00
C GLY A 438 -7.01 25.87 -18.82
N HIS A 439 -6.93 24.59 -18.41
CA HIS A 439 -7.57 23.51 -19.17
C HIS A 439 -9.07 23.61 -19.04
N LYS A 440 -9.78 23.47 -20.16
CA LYS A 440 -11.23 23.55 -20.17
C LYS A 440 -11.84 22.16 -20.18
N PHE A 441 -12.85 21.93 -19.35
CA PHE A 441 -13.52 20.63 -19.28
C PHE A 441 -14.99 20.76 -19.55
N CYS A 442 -15.45 20.09 -20.62
CA CYS A 442 -16.85 20.18 -20.94
C CYS A 442 -17.74 19.56 -19.87
N LYS A 443 -18.86 20.20 -19.63
CA LYS A 443 -19.84 19.76 -18.65
C LYS A 443 -21.14 19.23 -19.30
N ASP A 444 -21.22 19.25 -20.64
CA ASP A 444 -22.38 18.81 -21.40
C ASP A 444 -22.70 17.36 -21.09
N PHE A 445 -21.68 16.48 -21.10
CA PHE A 445 -21.87 15.05 -20.83
C PHE A 445 -20.95 14.55 -19.75
N PRO A 446 -21.41 13.59 -18.93
CA PRO A 446 -20.55 13.07 -17.85
C PRO A 446 -19.34 12.36 -18.42
N GLY A 447 -18.17 12.71 -17.90
CA GLY A 447 -16.93 12.08 -18.33
C GLY A 447 -16.87 10.66 -17.81
N PHE A 448 -16.19 9.77 -18.53
CA PHE A 448 -16.08 8.37 -18.16
C PHE A 448 -15.59 8.16 -16.71
N ILE A 449 -14.40 8.69 -16.36
CA ILE A 449 -13.85 8.57 -15.01
C ILE A 449 -14.68 9.30 -13.94
N PRO A 450 -15.06 10.59 -14.12
CA PRO A 450 -15.88 11.25 -13.11
C PRO A 450 -17.23 10.54 -12.89
N SER A 451 -17.79 9.97 -13.95
CA SER A 451 -19.03 9.22 -13.86
C SER A 451 -18.85 7.99 -12.96
N LEU A 452 -17.76 7.23 -13.16
CA LEU A 452 -17.47 6.05 -12.33
C LEU A 452 -17.16 6.42 -10.91
N LEU A 453 -16.43 7.51 -10.72
CA LEU A 453 -16.07 8.01 -9.41
C LEU A 453 -17.32 8.45 -8.61
N GLY A 454 -18.28 9.03 -9.31
CA GLY A 454 -19.54 9.41 -8.69
C GLY A 454 -20.36 8.19 -8.28
N ASP A 455 -20.34 7.13 -9.11
CA ASP A 455 -21.04 5.89 -8.80
C ASP A 455 -20.38 5.17 -7.62
N LEU A 456 -19.05 5.26 -7.50
CA LEU A 456 -18.32 4.66 -6.39
C LEU A 456 -18.71 5.35 -5.07
N LEU A 457 -18.71 6.68 -5.05
CA LEU A 457 -19.05 7.44 -3.86
C LEU A 457 -20.51 7.20 -3.45
N GLU A 458 -21.40 7.03 -4.42
CA GLU A 458 -22.82 6.75 -4.19
C GLU A 458 -22.98 5.34 -3.64
N GLU A 459 -22.27 4.36 -4.21
CA GLU A 459 -22.29 2.97 -3.77
C GLU A 459 -21.72 2.85 -2.35
N ARG A 460 -20.70 3.64 -2.03
CA ARG A 460 -20.10 3.62 -0.69
C ARG A 460 -21.12 4.07 0.35
N GLN A 461 -21.92 5.08 0.02
CA GLN A 461 -22.95 5.56 0.94
C GLN A 461 -24.04 4.51 1.13
N LYS A 462 -24.37 3.77 0.06
CA LYS A 462 -25.35 2.68 0.14
C LYS A 462 -24.82 1.51 1.01
N VAL A 463 -23.49 1.34 1.12
CA VAL A 463 -22.94 0.27 1.96
C VAL A 463 -22.73 0.77 3.40
N LYS A 464 -22.46 2.07 3.60
CA LYS A 464 -22.35 2.63 4.96
C LYS A 464 -23.71 2.54 5.67
N LYS A 465 -24.80 2.80 4.93
CA LYS A 465 -26.15 2.72 5.46
C LYS A 465 -26.58 1.28 5.72
N LYS A 466 -26.11 0.33 4.91
CA LYS A 466 -26.40 -1.08 5.12
C LYS A 466 -25.68 -1.61 6.38
N MET A 467 -24.53 -1.02 6.74
CA MET A 467 -23.78 -1.40 7.94
C MET A 467 -24.59 -1.14 9.21
N LYS A 468 -25.27 0.01 9.27
CA LYS A 468 -26.09 0.41 10.41
C LYS A 468 -27.20 -0.60 10.68
N ALA A 469 -27.78 -1.18 9.62
CA ALA A 469 -28.89 -2.12 9.75
C ALA A 469 -28.48 -3.58 9.88
N THR A 470 -27.21 -3.92 9.59
CA THR A 470 -26.77 -5.30 9.66
C THR A 470 -26.46 -5.74 11.09
N ILE A 471 -27.23 -6.71 11.59
CA ILE A 471 -27.04 -7.27 12.92
C ILE A 471 -25.85 -8.25 12.89
N ASP A 472 -25.76 -9.06 11.83
CA ASP A 472 -24.70 -10.04 11.62
C ASP A 472 -23.31 -9.39 11.68
N PRO A 473 -22.52 -9.71 12.72
CA PRO A 473 -21.19 -9.09 12.86
C PRO A 473 -20.18 -9.50 11.79
N ILE A 474 -20.36 -10.68 11.18
CA ILE A 474 -19.46 -11.14 10.13
C ILE A 474 -19.74 -10.35 8.85
N GLU A 475 -21.03 -10.16 8.54
CA GLU A 475 -21.44 -9.40 7.36
C GLU A 475 -21.09 -7.92 7.54
N LYS A 476 -21.20 -7.39 8.77
CA LYS A 476 -20.88 -5.99 9.04
C LYS A 476 -19.40 -5.71 8.81
N LYS A 477 -18.52 -6.68 9.17
CA LYS A 477 -17.08 -6.57 8.93
C LYS A 477 -16.80 -6.59 7.43
N LEU A 478 -17.52 -7.45 6.69
CA LEU A 478 -17.37 -7.55 5.25
C LEU A 478 -17.80 -6.25 4.58
N LEU A 479 -18.91 -5.67 5.01
CA LEU A 479 -19.38 -4.40 4.47
C LEU A 479 -18.41 -3.27 4.81
N ASP A 480 -17.80 -3.33 6.00
CA ASP A 480 -16.81 -2.36 6.42
C ASP A 480 -15.61 -2.37 5.47
N TYR A 481 -15.16 -3.56 5.08
CA TYR A 481 -14.04 -3.69 4.17
C TYR A 481 -14.40 -3.15 2.80
N ARG A 482 -15.58 -3.50 2.26
CA ARG A 482 -16.03 -3.01 0.94
C ARG A 482 -16.07 -1.49 0.93
N GLN A 483 -16.62 -0.90 2.00
CA GLN A 483 -16.72 0.54 2.17
C GLN A 483 -15.33 1.20 2.18
N ARG A 484 -14.40 0.60 2.94
CA ARG A 484 -13.06 1.13 3.06
C ARG A 484 -12.34 1.05 1.73
N LEU A 485 -12.49 -0.09 1.04
CA LEU A 485 -11.85 -0.33 -0.24
C LEU A 485 -12.38 0.59 -1.32
N ILE A 486 -13.66 0.98 -1.26
CA ILE A 486 -14.21 1.92 -2.23
C ILE A 486 -13.54 3.28 -2.05
N LYS A 487 -13.37 3.73 -0.78
CA LYS A 487 -12.70 4.98 -0.48
C LYS A 487 -11.25 4.96 -0.99
N ILE A 488 -10.54 3.83 -0.80
CA ILE A 488 -9.16 3.66 -1.25
C ILE A 488 -9.07 3.75 -2.76
N LEU A 489 -10.00 3.10 -3.46
CA LEU A 489 -10.04 3.10 -4.92
C LEU A 489 -10.37 4.48 -5.45
N ALA A 490 -11.34 5.16 -4.83
CA ALA A 490 -11.74 6.51 -5.23
C ALA A 490 -10.59 7.51 -5.07
N ASN A 491 -9.78 7.35 -4.02
CA ASN A 491 -8.64 8.23 -3.78
C ASN A 491 -7.40 7.91 -4.64
N SER A 492 -7.49 6.87 -5.48
CA SER A 492 -6.42 6.45 -6.37
C SER A 492 -6.57 7.02 -7.77
N PHE A 493 -7.75 7.57 -8.14
CA PHE A 493 -8.00 8.13 -9.46
C PHE A 493 -7.12 9.31 -9.82
N TYR A 494 -6.91 10.24 -8.87
CA TYR A 494 -6.06 11.39 -9.13
C TYR A 494 -4.64 10.95 -9.48
N GLY A 495 -4.04 10.10 -8.65
CA GLY A 495 -2.69 9.63 -8.87
C GLY A 495 -2.54 8.87 -10.17
N TYR A 496 -3.59 8.13 -10.54
CA TYR A 496 -3.65 7.35 -11.78
C TYR A 496 -3.59 8.27 -13.00
N TYR A 497 -4.20 9.45 -12.91
CA TYR A 497 -4.16 10.43 -13.99
C TYR A 497 -2.74 10.86 -14.31
N GLY A 498 -1.89 10.97 -13.31
CA GLY A 498 -0.49 11.36 -13.50
C GLY A 498 0.49 10.19 -13.54
N TYR A 499 -0.04 8.97 -13.62
CA TYR A 499 0.73 7.74 -13.69
C TYR A 499 1.08 7.47 -15.14
N ALA A 500 2.35 7.62 -15.50
CA ALA A 500 2.84 7.50 -16.86
C ALA A 500 2.48 6.21 -17.59
N LYS A 501 2.35 5.08 -16.89
CA LYS A 501 2.01 3.82 -17.57
C LYS A 501 0.49 3.63 -17.73
N ALA A 502 -0.34 4.51 -17.14
CA ALA A 502 -1.79 4.38 -17.19
C ALA A 502 -2.34 4.50 -18.59
N ARG A 503 -3.35 3.70 -18.90
CA ARG A 503 -4.01 3.76 -20.19
C ARG A 503 -4.78 5.08 -20.28
N TRP A 504 -5.51 5.43 -19.21
CA TRP A 504 -6.28 6.67 -19.17
C TRP A 504 -5.50 7.82 -18.56
N TYR A 505 -4.18 7.84 -18.78
CA TYR A 505 -3.30 8.90 -18.30
C TYR A 505 -3.74 10.24 -18.91
N CYS A 506 -3.66 11.29 -18.10
CA CYS A 506 -4.02 12.65 -18.52
C CYS A 506 -3.30 13.61 -17.59
N LYS A 507 -2.16 14.16 -18.03
CA LYS A 507 -1.41 15.11 -17.21
C LYS A 507 -2.20 16.38 -16.99
N GLU A 508 -2.94 16.83 -18.02
CA GLU A 508 -3.79 18.00 -17.95
C GLU A 508 -4.83 17.84 -16.85
N CYS A 509 -5.40 16.63 -16.73
CA CYS A 509 -6.38 16.29 -15.70
C CYS A 509 -5.74 16.34 -14.33
N ALA A 510 -4.57 15.70 -14.17
CA ALA A 510 -3.88 15.63 -12.90
C ALA A 510 -3.51 17.01 -12.37
N GLU A 511 -2.88 17.86 -13.20
CA GLU A 511 -2.49 19.20 -12.79
C GLU A 511 -3.67 20.14 -12.60
N SER A 512 -4.79 19.88 -13.27
CA SER A 512 -6.01 20.66 -13.09
C SER A 512 -6.61 20.40 -11.72
N VAL A 513 -6.53 19.15 -11.23
CA VAL A 513 -7.05 18.80 -9.91
C VAL A 513 -6.27 19.54 -8.83
N THR A 514 -4.94 19.53 -8.93
CA THR A 514 -4.09 20.20 -7.94
C THR A 514 -4.22 21.72 -8.02
N ALA A 515 -4.44 22.26 -9.23
CA ALA A 515 -4.61 23.70 -9.41
C ALA A 515 -5.92 24.16 -8.78
N TRP A 516 -6.99 23.38 -8.98
CA TRP A 516 -8.28 23.68 -8.36
C TRP A 516 -8.17 23.53 -6.84
N GLY A 517 -7.43 22.54 -6.36
CA GLY A 517 -7.21 22.33 -4.94
C GLY A 517 -6.50 23.50 -4.30
N ARG A 518 -5.48 24.03 -4.99
CA ARG A 518 -4.75 25.21 -4.52
C ARG A 518 -5.69 26.41 -4.48
N GLN A 519 -6.57 26.56 -5.47
CA GLN A 519 -7.52 27.65 -5.50
C GLN A 519 -8.50 27.58 -4.33
N TYR A 520 -9.15 26.42 -4.12
CA TYR A 520 -10.12 26.29 -3.05
C TYR A 520 -9.55 26.51 -1.66
N ILE A 521 -8.34 26.00 -1.41
CA ILE A 521 -7.71 26.19 -0.10
C ILE A 521 -7.29 27.64 0.11
N GLU A 522 -6.72 28.31 -0.91
CA GLU A 522 -6.29 29.70 -0.77
C GLU A 522 -7.50 30.65 -0.68
N THR A 523 -8.57 30.37 -1.44
CA THR A 523 -9.79 31.18 -1.41
C THR A 523 -10.42 31.09 -0.02
N THR A 524 -10.48 29.89 0.56
CA THR A 524 -11.06 29.67 1.88
C THR A 524 -10.27 30.39 2.96
N ILE A 525 -8.94 30.43 2.82
CA ILE A 525 -8.07 31.12 3.77
C ILE A 525 -8.31 32.62 3.76
N ARG A 526 -8.25 33.28 2.59
CA ARG A 526 -8.50 34.72 2.51
C ARG A 526 -9.93 35.06 2.94
N GLU A 527 -10.88 34.12 2.75
CA GLU A 527 -12.27 34.30 3.13
C GLU A 527 -12.43 34.33 4.64
N ILE A 528 -11.77 33.41 5.36
CA ILE A 528 -11.85 33.36 6.82
C ILE A 528 -11.07 34.49 7.49
N GLU A 529 -10.04 35.02 6.81
CA GLU A 529 -9.25 36.12 7.33
C GLU A 529 -9.99 37.45 7.17
N GLU A 530 -10.47 37.72 5.95
CA GLU A 530 -11.11 38.98 5.65
C GLU A 530 -12.51 39.14 6.21
N LYS A 531 -13.32 38.07 6.18
CA LYS A 531 -14.70 38.17 6.62
C LYS A 531 -14.98 37.69 8.04
N PHE A 532 -14.01 37.02 8.69
CA PHE A 532 -14.22 36.54 10.05
C PHE A 532 -13.11 36.90 11.03
N GLY A 533 -12.05 37.56 10.56
CA GLY A 533 -10.94 38.01 11.39
C GLY A 533 -10.06 36.92 11.97
N PHE A 534 -10.04 35.74 11.33
CA PHE A 534 -9.20 34.64 11.81
C PHE A 534 -7.78 34.81 11.31
N LYS A 535 -6.84 34.26 12.06
CA LYS A 535 -5.44 34.23 11.68
C LYS A 535 -5.18 32.81 11.25
N VAL A 536 -4.75 32.60 9.99
CA VAL A 536 -4.43 31.26 9.53
C VAL A 536 -2.97 30.97 9.83
N LEU A 537 -2.76 30.08 10.79
CA LEU A 537 -1.43 29.76 11.29
C LEU A 537 -0.63 28.89 10.33
N TYR A 538 -1.27 27.89 9.75
CA TYR A 538 -0.58 26.95 8.85
C TYR A 538 -1.58 26.23 7.96
N ALA A 539 -1.16 25.85 6.75
CA ALA A 539 -2.03 25.14 5.82
C ALA A 539 -1.24 24.17 4.96
N ASP A 540 -1.77 22.95 4.76
CA ASP A 540 -1.13 21.93 3.92
C ASP A 540 -2.13 21.15 3.08
N THR A 541 -2.12 21.42 1.77
CA THR A 541 -2.86 20.79 0.68
C THR A 541 -4.39 20.98 0.72
N ASP A 542 -5.10 20.43 1.72
CA ASP A 542 -6.56 20.50 1.76
C ASP A 542 -7.16 20.95 3.08
N GLY A 543 -6.34 21.50 3.97
CA GLY A 543 -6.80 21.96 5.27
C GLY A 543 -5.91 23.01 5.88
N PHE A 544 -6.41 23.69 6.91
CA PHE A 544 -5.63 24.73 7.59
C PHE A 544 -5.96 24.84 9.08
N PHE A 545 -5.01 25.37 9.86
CA PHE A 545 -5.17 25.62 11.29
C PHE A 545 -5.40 27.11 11.46
N ALA A 546 -6.51 27.49 12.10
CA ALA A 546 -6.84 28.91 12.29
C ALA A 546 -7.23 29.23 13.74
N THR A 547 -7.15 30.51 14.13
CA THR A 547 -7.51 30.97 15.48
C THR A 547 -7.77 32.49 15.51
N ILE A 548 -8.39 33.00 16.60
CA ILE A 548 -8.60 34.43 16.82
C ILE A 548 -7.74 34.78 18.03
N PRO A 549 -6.59 35.46 17.76
CA PRO A 549 -5.57 35.72 18.78
C PRO A 549 -6.01 36.04 20.21
N GLY A 550 -7.02 36.89 20.37
CA GLY A 550 -7.46 37.27 21.69
C GLY A 550 -8.86 36.78 22.01
N ALA A 551 -9.25 35.62 21.47
CA ALA A 551 -10.58 35.11 21.71
C ALA A 551 -10.66 33.88 22.59
N ASP A 552 -11.82 33.71 23.27
CA ASP A 552 -12.17 32.60 24.14
C ASP A 552 -12.27 31.32 23.30
N ALA A 553 -12.10 30.16 23.96
CA ALA A 553 -12.20 28.86 23.32
C ALA A 553 -13.59 28.63 22.73
N GLU A 554 -14.65 28.98 23.48
CA GLU A 554 -16.01 28.84 22.98
C GLU A 554 -16.32 29.86 21.87
N THR A 555 -15.67 31.03 21.91
CA THR A 555 -15.82 32.06 20.90
C THR A 555 -15.21 31.62 19.57
N VAL A 556 -14.02 30.99 19.61
CA VAL A 556 -13.40 30.52 18.36
C VAL A 556 -14.20 29.38 17.76
N LYS A 557 -14.77 28.50 18.58
CA LYS A 557 -15.59 27.39 18.09
C LYS A 557 -16.85 27.91 17.41
N LYS A 558 -17.53 28.88 18.04
CA LYS A 558 -18.74 29.50 17.51
C LYS A 558 -18.48 30.14 16.15
N LYS A 559 -17.46 31.01 16.06
CA LYS A 559 -17.10 31.69 14.81
C LYS A 559 -16.70 30.71 13.72
N ALA A 560 -16.04 29.61 14.09
CA ALA A 560 -15.64 28.59 13.12
C ALA A 560 -16.88 27.91 12.53
N LYS A 561 -17.87 27.58 13.37
CA LYS A 561 -19.10 26.96 12.91
C LYS A 561 -19.87 27.92 12.01
N GLU A 562 -19.85 29.22 12.31
CA GLU A 562 -20.51 30.24 11.50
C GLU A 562 -19.82 30.35 10.15
N PHE A 563 -18.47 30.29 10.13
CA PHE A 563 -17.72 30.37 8.89
C PHE A 563 -18.03 29.16 8.02
N LEU A 564 -18.10 27.97 8.63
CA LEU A 564 -18.42 26.72 7.92
C LEU A 564 -19.76 26.83 7.21
N ASP A 565 -20.79 27.35 7.90
CA ASP A 565 -22.10 27.52 7.30
C ASP A 565 -22.04 28.51 6.13
N TYR A 566 -21.23 29.57 6.26
CA TYR A 566 -21.05 30.58 5.22
C TYR A 566 -20.40 30.04 3.94
N ILE A 567 -19.18 29.48 4.03
CA ILE A 567 -18.45 29.03 2.86
C ILE A 567 -19.08 27.81 2.20
N ASN A 568 -19.71 26.93 2.98
CA ASN A 568 -20.36 25.75 2.42
C ASN A 568 -21.56 26.07 1.55
N ALA A 569 -22.19 27.24 1.78
CA ALA A 569 -23.27 27.71 0.94
C ALA A 569 -22.74 28.26 -0.41
N LYS A 570 -21.46 28.66 -0.46
CA LYS A 570 -20.81 29.20 -1.66
C LYS A 570 -20.11 28.12 -2.48
N LEU A 571 -19.61 27.05 -1.81
CA LEU A 571 -18.89 25.98 -2.49
C LEU A 571 -19.72 25.25 -3.53
N PRO A 572 -19.12 24.96 -4.70
CA PRO A 572 -19.86 24.26 -5.75
C PRO A 572 -19.86 22.75 -5.60
N GLY A 573 -20.89 22.10 -6.14
CA GLY A 573 -21.03 20.65 -6.18
C GLY A 573 -20.78 19.88 -4.90
N LEU A 574 -19.87 18.91 -4.98
CA LEU A 574 -19.52 18.02 -3.88
C LEU A 574 -18.49 18.58 -2.88
N LEU A 575 -17.92 19.76 -3.16
CA LEU A 575 -16.94 20.36 -2.25
C LEU A 575 -17.59 20.76 -0.93
N GLU A 576 -16.95 20.43 0.18
CA GLU A 576 -17.49 20.69 1.50
C GLU A 576 -16.37 20.83 2.51
N LEU A 577 -16.39 21.89 3.31
CA LEU A 577 -15.41 22.11 4.35
C LEU A 577 -15.95 21.52 5.66
N GLU A 578 -15.07 20.84 6.43
CA GLU A 578 -15.40 20.14 7.67
C GLU A 578 -14.70 20.72 8.90
N TYR A 579 -15.27 20.47 10.09
CA TYR A 579 -14.70 20.97 11.35
C TYR A 579 -13.41 20.25 11.78
N GLU A 580 -13.33 18.91 11.72
CA GLU A 580 -12.15 18.07 12.02
C GLU A 580 -11.65 18.07 13.49
N GLY A 581 -11.30 19.21 14.09
CA GLY A 581 -10.83 19.21 15.48
C GLY A 581 -10.43 20.54 16.08
N PHE A 582 -10.48 20.61 17.42
CA PHE A 582 -10.08 21.79 18.18
C PHE A 582 -8.87 21.44 19.05
N TYR A 583 -7.92 22.36 19.15
CA TYR A 583 -6.69 22.17 19.90
C TYR A 583 -6.43 23.32 20.88
N LYS A 584 -6.21 23.00 22.16
CA LYS A 584 -5.96 23.97 23.23
C LYS A 584 -4.73 24.83 22.91
N ARG A 585 -3.64 24.21 22.47
CA ARG A 585 -2.40 24.92 22.12
C ARG A 585 -1.74 24.28 20.89
N GLY A 586 -0.80 25.00 20.30
CA GLY A 586 -0.06 24.50 19.16
C GLY A 586 1.07 25.38 18.71
N PHE A 587 2.07 24.77 18.08
CA PHE A 587 3.17 25.53 17.52
C PHE A 587 3.51 24.96 16.14
N PHE A 588 3.72 25.86 15.19
CA PHE A 588 4.02 25.46 13.81
C PHE A 588 5.42 25.96 13.52
N ALA A 589 6.40 25.05 13.56
CA ALA A 589 7.81 25.39 13.42
C ALA A 589 8.22 25.77 11.99
N THR A 590 8.02 24.87 11.03
CA THR A 590 8.31 25.08 9.62
C THR A 590 7.30 24.26 8.85
N LYS A 591 7.34 24.30 7.50
CA LYS A 591 6.44 23.48 6.69
C LYS A 591 6.69 22.00 6.99
N LYS A 592 5.62 21.22 7.13
CA LYS A 592 5.67 19.79 7.45
C LYS A 592 6.10 19.49 8.91
N LYS A 593 6.43 20.52 9.71
CA LYS A 593 6.87 20.36 11.10
C LYS A 593 6.06 21.20 12.07
N TYR A 594 5.28 20.54 12.94
CA TYR A 594 4.42 21.22 13.92
C TYR A 594 3.98 20.27 15.06
N ALA A 595 3.32 20.82 16.10
CA ALA A 595 2.78 20.02 17.19
C ALA A 595 1.58 20.72 17.83
N VAL A 596 0.49 19.96 18.10
CA VAL A 596 -0.72 20.48 18.72
C VAL A 596 -1.19 19.57 19.88
N ILE A 597 -2.07 20.08 20.75
CA ILE A 597 -2.61 19.31 21.86
C ILE A 597 -4.10 19.59 22.00
N ASP A 598 -4.93 18.54 22.17
CA ASP A 598 -6.37 18.74 22.32
C ASP A 598 -6.77 19.05 23.78
N GLU A 599 -8.09 19.19 24.06
CA GLU A 599 -8.59 19.46 25.39
C GLU A 599 -8.40 18.30 26.38
N GLU A 600 -8.22 17.08 25.85
CA GLU A 600 -7.98 15.90 26.67
C GLU A 600 -6.49 15.69 27.01
N ASP A 601 -5.61 16.58 26.54
CA ASP A 601 -4.16 16.58 26.74
C ASP A 601 -3.42 15.60 25.83
N LYS A 602 -4.04 15.18 24.71
CA LYS A 602 -3.38 14.30 23.75
C LYS A 602 -2.55 15.15 22.80
N ILE A 603 -1.27 14.87 22.68
CA ILE A 603 -0.37 15.61 21.80
C ILE A 603 -0.20 14.93 20.46
N THR A 604 -0.26 15.70 19.37
CA THR A 604 -0.03 15.16 18.04
C THR A 604 1.18 15.87 17.46
N THR A 605 2.20 15.12 17.07
CA THR A 605 3.43 15.70 16.55
C THR A 605 3.71 15.22 15.13
N ARG A 606 4.05 16.14 14.22
CA ARG A 606 4.37 15.80 12.84
C ARG A 606 5.73 16.37 12.46
N GLY A 607 6.57 15.53 11.85
CA GLY A 607 7.90 15.95 11.42
C GLY A 607 8.93 16.12 12.51
N LEU A 608 8.54 15.97 13.79
CA LEU A 608 9.49 16.11 14.91
C LEU A 608 9.85 14.76 15.56
N LYS A 609 9.00 14.24 16.47
CA LYS A 609 9.24 12.95 17.15
C LYS A 609 9.43 11.82 16.13
N MET A 610 8.74 11.91 14.99
CA MET A 610 8.77 10.99 13.86
C MET A 610 10.19 10.65 13.39
N VAL A 611 11.17 11.54 13.64
CA VAL A 611 12.55 11.29 13.25
C VAL A 611 13.17 10.23 14.16
N ARG A 612 13.19 8.98 13.68
CA ARG A 612 13.70 7.84 14.44
C ARG A 612 15.09 7.41 13.93
N ARG A 613 16.01 8.36 13.73
CA ARG A 613 17.35 8.05 13.25
C ARG A 613 18.38 8.03 14.38
N ASP A 614 18.44 6.90 15.13
CA ASP A 614 19.36 6.65 16.26
C ASP A 614 19.33 7.72 17.37
N TRP A 615 18.36 7.63 18.29
CA TRP A 615 18.23 8.61 19.37
C TRP A 615 18.34 8.00 20.77
N SER A 616 19.26 8.57 21.57
CA SER A 616 19.51 8.17 22.96
C SER A 616 18.33 8.53 23.84
N GLU A 617 18.23 7.86 24.99
CA GLU A 617 17.15 8.12 25.95
C GLU A 617 17.16 9.54 26.48
N ILE A 618 18.34 10.16 26.60
CA ILE A 618 18.47 11.54 27.08
C ILE A 618 17.87 12.52 26.08
N ALA A 619 18.05 12.29 24.78
CA ALA A 619 17.50 13.17 23.77
C ALA A 619 15.98 13.02 23.66
N LYS A 620 15.48 11.77 23.76
CA LYS A 620 14.05 11.50 23.70
C LYS A 620 13.32 12.01 24.94
N GLU A 621 13.94 11.85 26.10
CA GLU A 621 13.37 12.27 27.38
C GLU A 621 13.20 13.78 27.44
N THR A 622 14.24 14.54 27.06
CA THR A 622 14.17 15.99 27.12
C THR A 622 13.33 16.57 26.01
N GLN A 623 13.21 15.89 24.84
CA GLN A 623 12.31 16.37 23.78
C GLN A 623 10.86 16.26 24.29
N ALA A 624 10.54 15.16 25.00
CA ALA A 624 9.23 14.96 25.58
C ALA A 624 8.97 15.99 26.69
N ARG A 625 10.00 16.30 27.49
CA ARG A 625 9.89 17.29 28.55
C ARG A 625 9.66 18.68 27.97
N VAL A 626 10.33 19.00 26.86
CA VAL A 626 10.18 20.28 26.18
C VAL A 626 8.79 20.39 25.60
N LEU A 627 8.34 19.35 24.89
CA LEU A 627 7.02 19.31 24.28
C LEU A 627 5.91 19.48 25.30
N GLU A 628 6.06 18.83 26.46
CA GLU A 628 5.09 18.89 27.54
C GLU A 628 5.04 20.27 28.14
N ALA A 629 6.20 20.89 28.39
CA ALA A 629 6.23 22.23 28.98
C ALA A 629 5.60 23.27 28.07
N ILE A 630 5.75 23.09 26.75
CA ILE A 630 5.22 24.03 25.79
C ILE A 630 3.75 23.85 25.59
N LEU A 631 3.31 22.60 25.40
CA LEU A 631 1.91 22.36 25.07
C LEU A 631 0.98 22.21 26.27
N LYS A 632 1.43 21.59 27.37
CA LYS A 632 0.58 21.43 28.55
C LYS A 632 0.67 22.62 29.51
N HIS A 633 1.88 23.15 29.72
CA HIS A 633 2.07 24.28 30.63
C HIS A 633 2.04 25.65 29.92
N GLY A 634 2.25 25.65 28.60
CA GLY A 634 2.31 26.88 27.82
C GLY A 634 3.50 27.75 28.18
N ASP A 635 4.54 27.12 28.75
CA ASP A 635 5.72 27.81 29.23
C ASP A 635 6.92 27.50 28.34
N VAL A 636 7.19 28.38 27.38
CA VAL A 636 8.32 28.23 26.47
C VAL A 636 9.65 28.49 27.19
N GLU A 637 9.67 29.46 28.12
CA GLU A 637 10.88 29.76 28.88
C GLU A 637 11.27 28.63 29.84
N GLU A 638 10.32 27.79 30.23
CA GLU A 638 10.60 26.63 31.08
C GLU A 638 11.25 25.55 30.23
N ALA A 639 10.76 25.36 28.99
CA ALA A 639 11.34 24.41 28.05
C ALA A 639 12.80 24.75 27.76
N VAL A 640 13.16 26.04 27.76
CA VAL A 640 14.53 26.49 27.54
C VAL A 640 15.40 26.10 28.71
N ARG A 641 14.92 26.36 29.94
CA ARG A 641 15.65 26.04 31.17
C ARG A 641 15.92 24.54 31.27
N ILE A 642 14.98 23.70 30.83
CA ILE A 642 15.13 22.25 30.84
C ILE A 642 16.32 21.83 29.98
N VAL A 643 16.45 22.42 28.80
CA VAL A 643 17.57 22.12 27.90
C VAL A 643 18.87 22.61 28.50
N LYS A 644 18.87 23.80 29.09
CA LYS A 644 20.07 24.35 29.73
C LYS A 644 20.50 23.46 30.89
N GLU A 645 19.53 22.95 31.66
CA GLU A 645 19.75 22.05 32.78
C GLU A 645 20.39 20.76 32.29
N VAL A 646 19.85 20.17 31.22
CA VAL A 646 20.35 18.92 30.67
C VAL A 646 21.75 19.04 30.07
N THR A 647 22.01 20.11 29.32
CA THR A 647 23.32 20.32 28.73
C THR A 647 24.39 20.58 29.81
N GLU A 648 24.00 21.22 30.92
CA GLU A 648 24.89 21.48 32.04
C GLU A 648 25.22 20.17 32.75
N LYS A 649 24.21 19.31 32.95
CA LYS A 649 24.42 18.01 33.59
C LYS A 649 25.27 17.09 32.72
N LEU A 650 25.09 17.15 31.39
CA LEU A 650 25.87 16.34 30.47
C LEU A 650 27.34 16.79 30.48
N SER A 651 27.58 18.12 30.47
CA SER A 651 28.92 18.68 30.48
C SER A 651 29.67 18.41 31.78
N LYS A 652 28.93 18.32 32.90
CA LYS A 652 29.54 18.02 34.20
C LYS A 652 29.52 16.53 34.55
N TYR A 653 29.19 15.66 33.59
CA TYR A 653 29.18 14.21 33.74
C TYR A 653 28.30 13.72 34.89
N GLU A 654 27.14 14.34 35.08
CA GLU A 654 26.21 13.93 36.14
C GLU A 654 25.06 13.04 35.63
N VAL A 655 24.98 12.81 34.30
CA VAL A 655 23.95 11.98 33.71
C VAL A 655 24.41 10.53 33.69
N PRO A 656 23.58 9.61 34.22
CA PRO A 656 23.95 8.19 34.19
C PRO A 656 24.09 7.65 32.77
N PRO A 657 25.06 6.73 32.55
CA PRO A 657 25.29 6.19 31.20
C PRO A 657 24.13 5.41 30.59
N GLU A 658 23.21 4.92 31.43
CA GLU A 658 22.04 4.16 30.95
C GLU A 658 21.14 5.02 30.07
N GLN A 659 21.07 6.33 30.34
CA GLN A 659 20.27 7.25 29.54
C GLN A 659 20.99 7.73 28.27
N LEU A 660 22.16 7.16 27.95
CA LEU A 660 22.94 7.53 26.79
C LEU A 660 23.04 6.43 25.73
N VAL A 661 22.31 5.34 25.90
CA VAL A 661 22.34 4.22 24.97
C VAL A 661 21.62 4.58 23.68
N ILE A 662 22.23 4.25 22.54
CA ILE A 662 21.62 4.51 21.23
C ILE A 662 21.23 3.19 20.64
N TYR A 663 20.00 3.09 20.15
CA TYR A 663 19.49 1.86 19.57
C TYR A 663 19.39 1.97 18.04
N GLN A 664 19.97 1.01 17.34
CA GLN A 664 19.96 1.00 15.87
C GLN A 664 19.53 -0.39 15.36
N PRO A 665 18.36 -0.47 14.68
CA PRO A 665 17.90 -1.77 14.17
C PRO A 665 18.64 -2.19 12.90
N ILE A 666 19.44 -3.25 12.98
CA ILE A 666 20.22 -3.69 11.82
C ILE A 666 19.96 -5.14 11.48
N PRO A 695 22.84 -9.69 13.52
CA PRO A 695 22.50 -9.74 12.08
C PRO A 695 21.16 -9.09 11.76
N GLY A 696 20.13 -9.38 12.54
CA GLY A 696 18.81 -8.79 12.34
C GLY A 696 18.23 -8.36 13.67
N THR A 697 19.08 -7.78 14.53
CA THR A 697 18.71 -7.36 15.89
C THR A 697 18.94 -5.83 16.12
N VAL A 698 18.61 -5.33 17.34
CA VAL A 698 18.80 -3.94 17.72
C VAL A 698 20.15 -3.79 18.43
N ILE A 699 21.07 -3.00 17.86
CA ILE A 699 22.37 -2.79 18.49
C ILE A 699 22.31 -1.61 19.47
N SER A 700 22.69 -1.85 20.73
CA SER A 700 22.69 -0.83 21.77
C SER A 700 24.12 -0.39 22.09
N TYR A 701 24.50 0.82 21.66
CA TYR A 701 25.85 1.32 21.85
C TYR A 701 25.93 2.68 22.55
N ILE A 702 27.12 3.06 23.02
CA ILE A 702 27.39 4.35 23.66
C ILE A 702 28.63 4.98 23.02
N VAL A 703 28.67 6.32 22.93
CA VAL A 703 29.79 7.04 22.35
C VAL A 703 30.76 7.53 23.42
N PRO A 704 32.04 7.12 23.36
CA PRO A 704 33.00 7.57 24.37
C PRO A 704 33.83 8.78 23.96
N LYS A 705 34.52 9.38 24.94
CA LYS A 705 35.37 10.56 24.76
C LYS A 705 36.55 10.34 23.79
N GLY A 706 36.96 9.09 23.58
CA GLY A 706 38.07 8.77 22.68
C GLY A 706 37.63 8.67 21.23
N GLY A 711 32.59 8.90 14.99
CA GLY A 711 33.92 8.77 14.40
C GLY A 711 34.51 7.38 14.58
N ASP A 712 33.64 6.35 14.55
CA ASP A 712 33.98 4.93 14.72
C ASP A 712 34.57 4.59 16.10
N ARG A 713 34.25 5.41 17.11
CA ARG A 713 34.75 5.15 18.47
C ARG A 713 33.71 4.43 19.35
N ALA A 714 32.44 4.40 18.93
CA ALA A 714 31.30 3.79 19.61
C ALA A 714 31.52 2.33 20.01
N ILE A 715 31.03 1.95 21.20
CA ILE A 715 31.15 0.59 21.73
C ILE A 715 29.80 0.08 22.26
N PRO A 716 29.56 -1.24 22.29
CA PRO A 716 28.30 -1.74 22.87
C PRO A 716 28.21 -1.37 24.35
N PHE A 717 27.00 -1.04 24.83
CA PHE A 717 26.80 -0.59 26.20
C PHE A 717 27.19 -1.61 27.26
N ASP A 718 27.14 -2.90 26.93
CA ASP A 718 27.50 -3.97 27.84
C ASP A 718 28.98 -3.86 28.28
N GLU A 719 29.85 -3.40 27.38
CA GLU A 719 31.27 -3.30 27.70
C GLU A 719 31.68 -1.95 28.32
N PHE A 720 30.78 -0.97 28.34
CA PHE A 720 31.09 0.35 28.90
C PHE A 720 31.19 0.31 30.42
N ASP A 721 32.28 0.85 30.98
CA ASP A 721 32.47 0.87 32.43
C ASP A 721 32.68 2.30 32.92
N PRO A 722 31.72 2.87 33.69
CA PRO A 722 31.87 4.27 34.15
C PRO A 722 33.11 4.56 35.00
N ALA A 723 33.65 3.53 35.66
CA ALA A 723 34.85 3.69 36.48
C ALA A 723 36.13 3.73 35.62
N LYS A 724 36.11 3.12 34.43
CA LYS A 724 37.27 3.07 33.55
C LYS A 724 37.15 4.00 32.34
N HIS A 725 35.94 4.31 31.92
CA HIS A 725 35.68 5.06 30.70
C HIS A 725 34.77 6.28 30.89
N LYS A 726 34.91 7.27 30.01
CA LYS A 726 34.09 8.48 30.06
C LYS A 726 33.38 8.71 28.73
N TYR A 727 32.08 8.99 28.80
CA TYR A 727 31.29 9.24 27.59
C TYR A 727 31.60 10.61 26.98
N ASP A 728 31.26 10.78 25.70
CA ASP A 728 31.52 12.03 25.00
C ASP A 728 30.39 13.02 25.26
N ALA A 729 30.58 13.89 26.26
CA ALA A 729 29.60 14.90 26.62
C ALA A 729 29.29 15.83 25.46
N GLY A 730 30.31 16.19 24.69
CA GLY A 730 30.16 17.06 23.53
C GLY A 730 29.29 16.45 22.46
N TYR A 731 29.44 15.13 22.24
CA TYR A 731 28.64 14.42 21.26
C TYR A 731 27.17 14.40 21.66
N TYR A 732 26.87 14.04 22.91
CA TYR A 732 25.49 13.95 23.36
C TYR A 732 24.81 15.31 23.47
N ILE A 733 25.58 16.40 23.54
CA ILE A 733 25.02 17.73 23.56
C ILE A 733 24.77 18.20 22.11
N GLU A 734 25.83 18.16 21.28
CA GLU A 734 25.79 18.70 19.93
C GLU A 734 25.15 17.81 18.87
N ASN A 735 25.15 16.50 19.07
CA ASN A 735 24.60 15.58 18.08
C ASN A 735 23.32 14.88 18.54
N GLN A 736 23.00 14.92 19.83
CA GLN A 736 21.82 14.24 20.35
C GLN A 736 20.75 15.19 20.90
N VAL A 737 21.00 15.83 22.05
CA VAL A 737 20.04 16.68 22.71
C VAL A 737 19.69 17.93 21.90
N LEU A 738 20.70 18.76 21.57
CA LEU A 738 20.46 19.99 20.83
C LEU A 738 19.74 19.79 19.50
N PRO A 739 20.16 18.90 18.58
CA PRO A 739 19.44 18.77 17.29
C PRO A 739 17.96 18.40 17.46
N ALA A 740 17.66 17.51 18.41
CA ALA A 740 16.29 17.08 18.65
C ALA A 740 15.41 18.18 19.21
N VAL A 741 15.99 19.06 20.03
CA VAL A 741 15.23 20.13 20.67
C VAL A 741 15.26 21.45 19.91
N GLU A 742 16.35 21.73 19.21
CA GLU A 742 16.51 22.95 18.43
C GLU A 742 15.43 23.05 17.36
N ARG A 743 15.12 21.92 16.71
CA ARG A 743 14.08 21.92 15.68
C ARG A 743 12.72 22.41 16.18
N ILE A 744 12.47 22.25 17.49
CA ILE A 744 11.24 22.70 18.13
C ILE A 744 11.38 24.16 18.57
N LEU A 745 12.46 24.50 19.27
CA LEU A 745 12.64 25.84 19.81
C LEU A 745 13.09 26.89 18.80
N ARG A 746 13.42 26.50 17.56
CA ARG A 746 13.80 27.47 16.53
C ARG A 746 12.57 28.32 16.14
N ALA A 747 11.35 27.75 16.25
CA ALA A 747 10.08 28.43 15.99
C ALA A 747 9.87 29.64 16.88
N PHE A 748 10.45 29.63 18.08
CA PHE A 748 10.31 30.73 19.02
C PHE A 748 11.47 31.74 18.99
N GLY A 749 12.48 31.48 18.18
CA GLY A 749 13.61 32.39 18.04
C GLY A 749 14.87 32.01 18.80
N TYR A 750 14.95 30.75 19.27
CA TYR A 750 16.12 30.29 20.00
C TYR A 750 17.12 29.57 19.09
N ARG A 751 18.38 29.95 19.16
CA ARG A 751 19.44 29.30 18.39
C ARG A 751 20.06 28.17 19.24
N LYS A 752 21.01 27.39 18.67
CA LYS A 752 21.68 26.33 19.42
C LYS A 752 22.53 26.90 20.57
N GLU A 753 23.13 28.09 20.35
CA GLU A 753 23.95 28.74 21.38
C GLU A 753 23.12 29.35 22.52
N ASP A 754 21.80 29.47 22.33
CA ASP A 754 20.93 29.96 23.39
C ASP A 754 20.51 28.86 24.37
N LEU A 755 20.99 27.60 24.18
CA LEU A 755 20.56 26.48 25.00
C LEU A 755 21.71 25.74 25.70
N ARG A 756 22.98 25.98 25.32
CA ARG A 756 24.11 25.29 25.96
C ARG A 756 24.41 25.82 27.36
N TYR A 757 25.20 25.08 28.15
CA TYR A 757 25.59 25.54 29.48
C TYR A 757 26.63 26.65 29.29
N GLN A 758 26.17 27.90 29.33
CA GLN A 758 27.02 29.09 29.14
C GLN A 758 28.07 29.31 30.24
N LYS A 759 27.96 28.57 31.38
CA LYS A 759 28.85 28.64 32.54
C LYS A 759 28.70 29.95 33.32
N THR A 760 29.06 29.94 34.60
CA THR A 760 28.94 31.12 35.47
C THR A 760 29.79 32.30 34.99
N ARG A 761 29.24 33.52 35.08
CA ARG A 761 29.94 34.75 34.69
C ARG A 761 31.08 35.05 35.67
N GLN A 762 32.14 35.70 35.18
CA GLN A 762 33.28 36.02 36.04
C GLN A 762 33.02 37.24 36.92
N VAL A 763 32.57 36.98 38.16
CA VAL A 763 32.24 38.04 39.09
C VAL A 763 33.43 38.39 40.00
N GLY A 764 33.43 39.62 40.53
CA GLY A 764 34.49 40.08 41.41
C GLY A 764 35.72 40.60 40.70
N LEU A 765 36.63 41.22 41.45
CA LEU A 765 37.86 41.78 40.92
C LEU A 765 38.91 40.69 40.58
N GLY A 766 38.86 39.57 41.29
CA GLY A 766 39.78 38.45 41.07
C GLY A 766 39.82 37.96 39.64
N ALA A 767 38.69 38.04 38.94
CA ALA A 767 38.61 37.60 37.55
C ALA A 767 39.23 38.59 36.56
N TRP A 768 39.29 39.89 36.94
CA TRP A 768 39.81 40.99 36.11
C TRP A 768 38.97 41.28 34.86
N LEU A 769 37.73 40.79 34.80
CA LEU A 769 36.87 40.98 33.65
C LEU A 769 35.73 41.91 34.03
#